data_4GUU
#
_entry.id   4GUU
#
_cell.length_a   62.820
_cell.length_b   90.157
_cell.length_c   87.824
_cell.angle_alpha   90.00
_cell.angle_beta   104.20
_cell.angle_gamma   90.00
#
_symmetry.space_group_name_H-M   'P 1 21 1'
#
loop_
_entity.id
_entity.type
_entity.pdbx_description
1 polymer 'Lysine-specific histone demethylase 1B'
2 polymer 'Putative oxidoreductase GLYR1'
3 non-polymer '[(2R,3S,4R,5R)-5-(6-amino-9H-purin-9-yl)-3,4-dihydroxytetrahydrofuran-2-yl]methyl (2R,3S,4S)-5-[(3R,3aS,7aR)-10,11-dimethyl-1,4,6-trioxo-3-phenyl-2,3,5,6,7,7a-hexahydro-1H-benzo[g]pyrrolo[2,1-e]pteridin-8(4H)-yl]-2,3,4-trihydroxypentyl dihydrogen diphosphate'
4 non-polymer 'ZINC ION'
5 water water
#
loop_
_entity_poly.entity_id
_entity_poly.type
_entity_poly.pdbx_seq_one_letter_code
_entity_poly.pdbx_strand_id
1 'polypeptide(L)'
;PLGSRKCEKAGCTATCPVCFASASERCAKNGYTSRWYHLSCGEHFCNECFDHYYRSHKDGYDKYTTWKKIWTSNGKTEPS
PKAFMADQQLPYWVQCTKPECRKWRQLTKEIQLTPQIAKTYRCGMKPNTAIKPETSDHCSLPEDLRVLEVSNHWWYSMLI
LPPLLKDSVAAPLLSAYYPDCVGMSPSCTSTNRAAATGNASPGKLEHSKAALSVHVPGMNRYFQPFYQPNECGKALCVRP
DVMELDELYEFPEYSRDPTMYLALRNLILALWYTNCKEALTPQKCIPHIIVRGLVRIRCVQEVERILYFMTRKGLINTGV
LSVGADQYLLPKDYHNKSVIIIGAGPAGLAAARQLHNFGIKVTVLEAKDRIGGRVWDDKSFKGVTVGRGAQIVNGCINNP
VALMCEQLGISMHKFGERCDLIQEGGRITDPTIDKRMDFHFNALLDVVSEWRKDKTQLQDVPLGEKIEEIYKAFIKESGI
QFSELEGQVLQFHLSNLEYACGSNLHQVSARSWDHNEFFAQFAGDHTLLTPGYSVIIEKLAEGLDIQLKSPVQCIDYSGD
EVQVTTTDGTGYSAQKVLVTVPLALLQKGAIQFNPPLSEKKMKAINSLGAGIIEKIALQFPYRFWDSKVQGADFFGHVPP
SASKRGLFAVFYDMDPQKKHSVLMSVIAGEAVASVRTLDDKQVLQQCMATLRELFKEQEVPDPTKYFVTRWSTDPWIQMA
YSFVKTGGSGEAYDIIAEDIQGTVFFAGEATNRHFPQTVTGAYLSGVREASKIAAF
;
A
2 'polypeptide(L)'
;PLGSPEFSERGSKSPLKRAQEQSPRKRGRPPKDEKDLTIPESSTVKGMMAGPMAAFKWQPTASEPVKDADPHFHHFLLSQ
TEKPAVCYQAITKKLKICEEETGSTSIQAADSTAVNGSITPTDK
;
B
#
# COMPACT_ATOMS: atom_id res chain seq x y z
N PRO A 1 -42.21 7.19 -47.47
CA PRO A 1 -42.17 8.13 -46.33
C PRO A 1 -43.11 7.73 -45.19
N LEU A 2 -43.37 6.44 -45.06
CA LEU A 2 -44.00 5.92 -43.85
C LEU A 2 -42.92 5.32 -42.98
N GLY A 3 -42.57 6.04 -41.93
CA GLY A 3 -41.41 5.71 -41.13
C GLY A 3 -40.50 6.91 -41.07
N SER A 4 -39.35 6.77 -40.42
CA SER A 4 -38.45 7.90 -40.23
C SER A 4 -37.05 7.56 -40.73
N ARG A 5 -36.27 8.60 -41.01
CA ARG A 5 -34.85 8.45 -41.28
C ARG A 5 -34.11 9.28 -40.23
N LYS A 6 -34.84 9.67 -39.19
CA LYS A 6 -34.31 10.50 -38.12
C LYS A 6 -34.32 9.76 -36.79
N CYS A 7 -33.32 10.06 -35.95
CA CYS A 7 -33.19 9.40 -34.67
C CYS A 7 -34.12 9.97 -33.60
N GLU A 8 -34.80 9.07 -32.88
CA GLU A 8 -35.64 9.45 -31.75
C GLU A 8 -34.95 10.50 -30.87
N LYS A 9 -33.68 10.26 -30.58
CA LYS A 9 -32.92 11.08 -29.65
C LYS A 9 -32.74 12.52 -30.13
N ALA A 10 -33.26 13.45 -29.33
CA ALA A 10 -33.06 14.86 -29.61
C ALA A 10 -31.59 15.20 -29.41
N GLY A 11 -31.01 15.91 -30.37
CA GLY A 11 -29.62 16.31 -30.27
C GLY A 11 -28.64 15.33 -30.88
N CYS A 12 -29.10 14.12 -31.19
CA CYS A 12 -28.23 13.15 -31.83
C CYS A 12 -27.71 13.67 -33.17
N THR A 13 -26.46 13.32 -33.49
CA THR A 13 -25.78 13.87 -34.65
C THR A 13 -25.88 12.96 -35.88
N ALA A 14 -26.36 11.74 -35.68
CA ALA A 14 -26.46 10.79 -36.79
C ALA A 14 -27.44 11.26 -37.87
N THR A 15 -26.92 11.65 -39.03
CA THR A 15 -27.73 12.11 -40.14
C THR A 15 -28.37 10.95 -40.88
N CYS A 16 -27.68 9.81 -40.90
CA CYS A 16 -28.22 8.63 -41.56
C CYS A 16 -28.12 7.39 -40.67
N PRO A 17 -29.14 7.18 -39.82
CA PRO A 17 -29.16 6.00 -38.97
C PRO A 17 -29.23 4.74 -39.82
N VAL A 18 -28.47 3.72 -39.43
CA VAL A 18 -28.60 2.40 -40.02
C VAL A 18 -28.74 1.40 -38.88
N CYS A 19 -29.37 0.27 -39.15
CA CYS A 19 -29.59 -0.71 -38.07
C CYS A 19 -28.45 -1.71 -37.93
N PHE A 20 -27.87 -1.79 -36.74
CA PHE A 20 -26.77 -2.69 -36.47
C PHE A 20 -27.25 -4.10 -36.19
N ALA A 21 -28.53 -4.21 -35.84
CA ALA A 21 -29.09 -5.49 -35.40
C ALA A 21 -29.40 -6.46 -36.53
N SER A 22 -30.15 -5.98 -37.53
CA SER A 22 -30.65 -6.84 -38.60
C SER A 22 -31.08 -8.19 -38.03
N ALA A 23 -31.85 -8.14 -36.95
CA ALA A 23 -32.27 -9.35 -36.27
C ALA A 23 -33.59 -9.84 -36.84
N SER A 24 -34.44 -8.90 -37.26
CA SER A 24 -35.73 -9.24 -37.83
C SER A 24 -35.64 -9.38 -39.34
N GLU A 25 -36.35 -10.36 -39.89
CA GLU A 25 -36.38 -10.54 -41.33
C GLU A 25 -37.03 -9.33 -42.00
N ARG A 26 -37.67 -8.50 -41.17
CA ARG A 26 -38.34 -7.31 -41.65
C ARG A 26 -37.58 -6.05 -41.22
N CYS A 27 -36.30 -6.24 -40.89
CA CYS A 27 -35.42 -5.15 -40.50
C CYS A 27 -35.43 -4.00 -41.51
N ALA A 28 -35.50 -2.78 -40.99
CA ALA A 28 -35.51 -1.59 -41.82
C ALA A 28 -34.18 -1.33 -42.50
N LYS A 29 -33.13 -1.99 -42.06
CA LYS A 29 -31.77 -1.80 -42.56
C LYS A 29 -31.44 -0.33 -42.51
N ASN A 30 -31.09 0.22 -43.64
CA ASN A 30 -30.77 1.63 -43.70
C ASN A 30 -31.88 2.54 -44.18
N GLY A 31 -33.07 1.97 -44.34
CA GLY A 31 -34.21 2.69 -44.86
C GLY A 31 -35.15 3.21 -43.80
N TYR A 32 -36.41 3.42 -44.18
CA TYR A 32 -37.42 4.01 -43.30
C TYR A 32 -37.94 3.04 -42.25
N THR A 33 -38.03 3.51 -41.00
CA THR A 33 -38.63 2.72 -39.93
C THR A 33 -39.53 3.58 -39.06
N SER A 34 -40.50 2.94 -38.40
CA SER A 34 -41.41 3.65 -37.51
C SER A 34 -40.66 4.50 -36.50
N ARG A 35 -39.58 3.95 -35.95
CA ARG A 35 -38.79 4.65 -34.95
C ARG A 35 -37.38 4.09 -34.82
N TRP A 36 -36.40 4.98 -34.87
CA TRP A 36 -34.99 4.59 -34.73
C TRP A 36 -34.56 4.68 -33.28
N TYR A 37 -34.01 3.59 -32.76
CA TYR A 37 -33.58 3.56 -31.37
C TYR A 37 -32.09 3.83 -31.23
N HIS A 38 -31.76 4.74 -30.31
CA HIS A 38 -30.43 5.29 -30.18
C HIS A 38 -29.66 4.74 -29.00
N LEU A 39 -28.57 4.03 -29.27
CA LEU A 39 -27.65 3.58 -28.23
C LEU A 39 -26.52 4.60 -28.10
N SER A 40 -26.03 5.07 -29.23
CA SER A 40 -25.03 6.14 -29.28
C SER A 40 -25.23 6.96 -30.54
N CYS A 41 -24.42 7.99 -30.71
CA CYS A 41 -24.49 8.82 -31.91
C CYS A 41 -24.15 8.03 -33.17
N GLY A 42 -23.50 6.89 -33.01
CA GLY A 42 -23.09 6.08 -34.14
C GLY A 42 -23.85 4.78 -34.26
N GLU A 43 -24.64 4.45 -33.24
CA GLU A 43 -25.29 3.15 -33.20
C GLU A 43 -26.80 3.22 -32.95
N HIS A 44 -27.57 2.61 -33.84
CA HIS A 44 -29.02 2.59 -33.76
C HIS A 44 -29.59 1.25 -34.18
N PHE A 45 -30.83 0.99 -33.79
CA PHE A 45 -31.57 -0.17 -34.27
C PHE A 45 -33.04 0.19 -34.51
N CYS A 46 -33.61 -0.40 -35.56
CA CYS A 46 -34.95 -0.03 -36.01
C CYS A 46 -36.06 -0.68 -35.18
N ASN A 47 -37.26 -0.13 -35.32
CA ASN A 47 -38.41 -0.56 -34.52
C ASN A 47 -38.76 -2.04 -34.62
N GLU A 48 -38.62 -2.63 -35.81
CA GLU A 48 -38.95 -4.05 -36.00
C GLU A 48 -37.92 -5.00 -35.37
N CYS A 49 -36.67 -4.58 -35.28
CA CYS A 49 -35.68 -5.37 -34.56
C CYS A 49 -35.91 -5.19 -33.05
N PHE A 50 -36.36 -4.00 -32.68
CA PHE A 50 -36.82 -3.73 -31.32
C PHE A 50 -37.91 -4.74 -30.97
N ASP A 51 -38.98 -4.73 -31.76
CA ASP A 51 -40.13 -5.63 -31.55
C ASP A 51 -39.77 -7.10 -31.66
N HIS A 52 -38.80 -7.42 -32.53
CA HIS A 52 -38.37 -8.80 -32.72
C HIS A 52 -38.02 -9.45 -31.38
N TYR A 53 -37.52 -8.64 -30.45
CA TYR A 53 -37.13 -9.15 -29.13
C TYR A 53 -38.16 -8.81 -28.06
N TYR A 54 -38.77 -7.63 -28.19
CA TYR A 54 -39.63 -7.09 -27.14
C TYR A 54 -41.06 -7.65 -27.15
N ARG A 55 -41.54 -8.08 -28.33
CA ARG A 55 -42.89 -8.62 -28.46
C ARG A 55 -42.95 -10.13 -28.28
N SER A 56 -43.95 -10.59 -27.52
CA SER A 56 -44.10 -12.00 -27.20
C SER A 56 -44.29 -12.88 -28.43
N HIS A 57 -44.83 -12.31 -29.49
CA HIS A 57 -45.15 -13.07 -30.70
C HIS A 57 -43.96 -13.22 -31.65
N LYS A 58 -42.90 -12.45 -31.41
CA LYS A 58 -41.75 -12.43 -32.31
C LYS A 58 -40.70 -13.46 -31.93
N ASP A 59 -39.86 -13.83 -32.89
CA ASP A 59 -38.92 -14.94 -32.75
C ASP A 59 -37.70 -14.66 -31.87
N GLY A 60 -37.53 -13.41 -31.45
CA GLY A 60 -36.40 -13.04 -30.62
C GLY A 60 -36.79 -12.91 -29.16
N TYR A 61 -38.08 -13.05 -28.90
CA TYR A 61 -38.63 -12.88 -27.56
C TYR A 61 -38.05 -13.91 -26.60
N ASP A 62 -37.87 -15.13 -27.09
CA ASP A 62 -37.26 -16.20 -26.30
C ASP A 62 -35.97 -15.71 -25.67
N LYS A 63 -34.99 -15.38 -26.51
CA LYS A 63 -33.69 -14.93 -26.04
C LYS A 63 -33.82 -13.75 -25.09
N TYR A 64 -34.51 -12.70 -25.52
CA TYR A 64 -34.64 -11.50 -24.69
C TYR A 64 -35.20 -11.81 -23.31
N THR A 65 -36.23 -12.66 -23.26
CA THR A 65 -36.87 -13.02 -22.01
C THR A 65 -35.93 -13.75 -21.06
N THR A 66 -35.08 -14.61 -21.62
CA THR A 66 -34.11 -15.34 -20.82
C THR A 66 -33.05 -14.42 -20.25
N TRP A 67 -32.41 -13.66 -21.14
CA TRP A 67 -31.44 -12.65 -20.74
C TRP A 67 -31.98 -11.84 -19.57
N LYS A 68 -33.23 -11.39 -19.71
CA LYS A 68 -33.87 -10.53 -18.72
C LYS A 68 -33.96 -11.18 -17.34
N LYS A 69 -34.10 -12.51 -17.30
CA LYS A 69 -34.14 -13.21 -16.03
C LYS A 69 -32.77 -13.20 -15.35
N ILE A 70 -31.72 -13.53 -16.11
CA ILE A 70 -30.35 -13.50 -15.63
C ILE A 70 -30.02 -12.09 -15.15
N TRP A 71 -30.22 -11.13 -16.03
CA TRP A 71 -29.98 -9.73 -15.74
C TRP A 71 -30.61 -9.36 -14.40
N THR A 72 -31.59 -10.16 -13.99
CA THR A 72 -32.30 -9.99 -12.73
C THR A 72 -31.84 -11.03 -11.68
N SER A 73 -31.31 -12.16 -12.14
CA SER A 73 -30.94 -13.27 -11.24
C SER A 73 -29.51 -13.18 -10.71
N ASN A 74 -28.65 -12.42 -11.38
CA ASN A 74 -27.38 -12.00 -10.80
C ASN A 74 -26.95 -10.61 -11.28
N GLY A 75 -27.90 -9.69 -11.22
CA GLY A 75 -27.70 -8.31 -11.61
C GLY A 75 -28.70 -7.42 -10.90
N LYS A 76 -28.55 -6.10 -11.05
CA LYS A 76 -29.35 -5.15 -10.28
C LYS A 76 -29.97 -4.03 -11.12
N THR A 77 -29.37 -3.73 -12.27
CA THR A 77 -29.86 -2.63 -13.11
C THR A 77 -31.01 -3.06 -14.02
N GLU A 78 -31.77 -2.09 -14.52
CA GLU A 78 -32.95 -2.33 -15.36
C GLU A 78 -32.57 -3.02 -16.69
N PRO A 79 -33.29 -4.09 -17.03
CA PRO A 79 -33.02 -4.92 -18.21
C PRO A 79 -33.85 -4.55 -19.46
N SER A 80 -33.87 -3.27 -19.84
CA SER A 80 -34.57 -2.84 -21.05
C SER A 80 -33.98 -3.45 -22.32
N PRO A 81 -34.69 -3.32 -23.45
CA PRO A 81 -34.19 -3.83 -24.74
C PRO A 81 -32.91 -3.12 -25.19
N LYS A 82 -32.77 -1.84 -24.85
CA LYS A 82 -31.55 -1.11 -25.18
C LYS A 82 -30.36 -1.69 -24.42
N ALA A 83 -30.58 -2.14 -23.20
CA ALA A 83 -29.53 -2.76 -22.41
C ALA A 83 -29.17 -4.12 -23.00
N PHE A 84 -30.18 -4.85 -23.45
CA PHE A 84 -29.96 -6.15 -24.09
C PHE A 84 -29.17 -6.02 -25.39
N MET A 85 -29.42 -4.95 -26.13
CA MET A 85 -28.73 -4.72 -27.39
C MET A 85 -27.25 -4.39 -27.19
N ALA A 86 -26.96 -3.65 -26.13
CA ALA A 86 -25.60 -3.21 -25.85
C ALA A 86 -24.76 -4.35 -25.28
N ASP A 87 -25.45 -5.36 -24.75
CA ASP A 87 -24.80 -6.45 -24.05
C ASP A 87 -24.71 -7.72 -24.90
N GLN A 88 -25.56 -7.83 -25.91
CA GLN A 88 -25.69 -9.11 -26.62
C GLN A 88 -25.58 -9.02 -28.15
N GLN A 89 -25.98 -7.89 -28.73
CA GLN A 89 -26.10 -7.81 -30.18
C GLN A 89 -25.19 -6.80 -30.85
N LEU A 90 -24.89 -5.70 -30.16
CA LEU A 90 -23.99 -4.68 -30.69
C LEU A 90 -22.70 -5.34 -31.19
N PRO A 91 -22.30 -5.01 -32.42
CA PRO A 91 -21.04 -5.55 -32.95
C PRO A 91 -19.80 -5.02 -32.22
N TYR A 92 -18.77 -5.84 -32.15
CA TYR A 92 -17.52 -5.44 -31.52
C TYR A 92 -16.69 -4.54 -32.43
N TRP A 93 -15.81 -3.75 -31.82
CA TRP A 93 -14.84 -2.96 -32.55
C TRP A 93 -13.46 -3.32 -32.04
N VAL A 94 -12.49 -3.38 -32.95
CA VAL A 94 -11.14 -3.78 -32.58
C VAL A 94 -10.13 -2.96 -33.36
N GLN A 95 -9.03 -2.59 -32.72
CA GLN A 95 -8.03 -1.74 -33.36
C GLN A 95 -6.92 -2.55 -34.00
N CYS A 96 -6.56 -2.18 -35.23
CA CYS A 96 -5.49 -2.86 -35.94
C CYS A 96 -4.16 -2.63 -35.24
N THR A 97 -3.37 -3.68 -35.11
CA THR A 97 -2.12 -3.63 -34.36
C THR A 97 -0.89 -3.29 -35.20
N LYS A 98 -1.10 -3.12 -36.50
CA LYS A 98 -0.03 -2.67 -37.38
C LYS A 98 0.31 -1.23 -36.98
N PRO A 99 1.57 -1.00 -36.61
CA PRO A 99 2.00 0.29 -36.04
C PRO A 99 1.72 1.49 -36.95
N GLU A 100 1.80 1.30 -38.26
CA GLU A 100 1.59 2.39 -39.21
C GLU A 100 0.12 2.61 -39.56
N CYS A 101 -0.74 1.68 -39.15
CA CYS A 101 -2.16 1.77 -39.45
C CYS A 101 -2.94 2.24 -38.23
N ARG A 102 -3.12 1.35 -37.27
CA ARG A 102 -3.78 1.68 -36.01
C ARG A 102 -5.22 2.12 -36.16
N LYS A 103 -5.85 1.74 -37.27
CA LYS A 103 -7.24 2.10 -37.51
C LYS A 103 -8.20 1.15 -36.80
N TRP A 104 -9.32 1.68 -36.34
CA TRP A 104 -10.35 0.89 -35.68
C TRP A 104 -11.30 0.26 -36.70
N ARG A 105 -11.69 -0.99 -36.48
CA ARG A 105 -12.55 -1.68 -37.43
C ARG A 105 -13.71 -2.38 -36.74
N GLN A 106 -14.87 -2.37 -37.41
CA GLN A 106 -16.04 -3.09 -36.91
C GLN A 106 -15.98 -4.55 -37.36
N LEU A 107 -16.22 -5.45 -36.42
CA LEU A 107 -16.26 -6.88 -36.73
C LEU A 107 -17.68 -7.28 -37.11
N THR A 108 -17.80 -8.31 -37.93
CA THR A 108 -19.12 -8.78 -38.33
C THR A 108 -19.89 -9.29 -37.11
N LYS A 109 -21.21 -9.08 -37.13
CA LYS A 109 -22.04 -9.19 -35.93
C LYS A 109 -22.09 -10.56 -35.25
N GLU A 110 -21.46 -11.57 -35.85
CA GLU A 110 -21.47 -12.90 -35.25
C GLU A 110 -20.12 -13.25 -34.63
N ILE A 111 -19.09 -12.45 -34.92
CA ILE A 111 -17.77 -12.65 -34.34
C ILE A 111 -17.71 -12.17 -32.89
N GLN A 112 -17.34 -13.07 -31.99
CA GLN A 112 -17.20 -12.75 -30.57
C GLN A 112 -15.76 -12.38 -30.24
N LEU A 113 -15.51 -11.08 -30.06
CA LEU A 113 -14.17 -10.60 -29.76
C LEU A 113 -13.59 -11.20 -28.48
N THR A 114 -12.32 -11.61 -28.54
CA THR A 114 -11.61 -12.15 -27.39
C THR A 114 -10.27 -11.41 -27.22
N PRO A 115 -9.62 -11.60 -26.07
CA PRO A 115 -8.29 -11.00 -25.86
C PRO A 115 -7.31 -11.42 -26.95
N GLN A 116 -7.26 -12.71 -27.26
CA GLN A 116 -6.35 -13.22 -28.27
C GLN A 116 -6.57 -12.53 -29.62
N ILE A 117 -7.83 -12.35 -30.00
CA ILE A 117 -8.15 -11.66 -31.24
C ILE A 117 -7.71 -10.19 -31.19
N ALA A 118 -7.94 -9.54 -30.05
CA ALA A 118 -7.55 -8.14 -29.89
C ALA A 118 -6.04 -7.96 -29.91
N LYS A 119 -5.34 -8.90 -29.30
CA LYS A 119 -3.89 -8.83 -29.16
C LYS A 119 -3.18 -8.71 -30.51
N THR A 120 -3.58 -9.56 -31.45
CA THR A 120 -2.86 -9.69 -32.71
C THR A 120 -3.62 -9.17 -33.92
N TYR A 121 -4.76 -8.54 -33.70
CA TYR A 121 -5.62 -8.16 -34.82
C TYR A 121 -4.98 -7.15 -35.77
N ARG A 122 -5.19 -7.39 -37.08
CA ARG A 122 -4.95 -6.37 -38.09
C ARG A 122 -6.02 -6.43 -39.19
N CYS A 123 -6.31 -5.29 -39.79
CA CYS A 123 -7.38 -5.16 -40.78
C CYS A 123 -7.51 -6.38 -41.68
N GLY A 124 -8.75 -6.85 -41.86
CA GLY A 124 -9.03 -7.93 -42.78
C GLY A 124 -9.08 -9.31 -42.17
N MET A 125 -8.56 -9.46 -40.96
CA MET A 125 -8.50 -10.77 -40.32
C MET A 125 -9.88 -11.39 -40.07
N LYS A 126 -10.09 -12.55 -40.68
CA LYS A 126 -11.28 -13.36 -40.44
C LYS A 126 -10.84 -14.81 -40.32
N PRO A 127 -11.50 -15.58 -39.46
CA PRO A 127 -11.10 -16.97 -39.24
C PRO A 127 -10.87 -17.72 -40.54
N ASN A 128 -11.91 -17.80 -41.37
CA ASN A 128 -11.85 -18.53 -42.62
C ASN A 128 -11.63 -17.63 -43.83
N SER A 136 -6.90 -7.46 -52.00
CA SER A 136 -6.41 -7.30 -50.64
C SER A 136 -6.07 -5.86 -50.33
N ASP A 137 -5.12 -5.65 -49.41
CA ASP A 137 -4.69 -4.32 -49.01
C ASP A 137 -5.72 -3.73 -48.05
N HIS A 138 -6.11 -4.53 -47.06
CA HIS A 138 -7.19 -4.17 -46.14
C HIS A 138 -6.94 -2.90 -45.31
N CYS A 139 -5.68 -2.64 -44.99
CA CYS A 139 -5.33 -1.53 -44.11
C CYS A 139 -5.53 -0.16 -44.76
N SER A 140 -5.60 -0.14 -46.08
CA SER A 140 -5.71 1.13 -46.81
C SER A 140 -7.12 1.71 -46.80
N LEU A 141 -8.13 0.85 -46.72
CA LEU A 141 -9.52 1.28 -46.66
C LEU A 141 -9.73 2.31 -45.56
N PRO A 142 -10.53 3.35 -45.84
CA PRO A 142 -10.70 4.44 -44.88
C PRO A 142 -11.34 3.97 -43.57
N GLU A 143 -10.97 4.60 -42.47
CA GLU A 143 -11.56 4.27 -41.18
C GLU A 143 -12.99 4.80 -41.10
N ASP A 144 -13.91 3.95 -40.66
CA ASP A 144 -15.30 4.34 -40.46
C ASP A 144 -15.33 5.71 -39.77
N LEU A 145 -16.19 6.61 -40.23
CA LEU A 145 -16.22 7.98 -39.75
C LEU A 145 -16.63 8.09 -38.29
N ARG A 146 -17.47 7.17 -37.83
CA ARG A 146 -17.99 7.19 -36.47
C ARG A 146 -16.91 7.01 -35.40
N VAL A 147 -15.75 6.50 -35.81
CA VAL A 147 -14.65 6.24 -34.87
C VAL A 147 -14.04 7.52 -34.32
N LEU A 148 -13.73 8.47 -35.19
CA LEU A 148 -13.16 9.74 -34.79
C LEU A 148 -14.17 10.51 -33.94
N GLU A 149 -15.44 10.23 -34.17
CA GLU A 149 -16.52 10.86 -33.41
C GLU A 149 -16.42 10.58 -31.92
N VAL A 150 -16.02 9.36 -31.59
CA VAL A 150 -15.95 8.91 -30.19
C VAL A 150 -15.11 9.84 -29.31
N SER A 151 -14.17 10.56 -29.92
CA SER A 151 -13.31 11.46 -29.17
C SER A 151 -14.00 12.78 -28.81
N ASN A 152 -15.18 13.02 -29.38
CA ASN A 152 -15.93 14.23 -29.07
C ASN A 152 -16.38 14.29 -27.61
N HIS A 153 -16.24 15.47 -27.01
CA HIS A 153 -16.55 15.65 -25.59
C HIS A 153 -17.98 15.21 -25.26
N TRP A 154 -18.90 15.49 -26.17
CA TRP A 154 -20.32 15.19 -25.95
C TRP A 154 -20.68 13.76 -26.31
N TRP A 155 -19.78 13.05 -26.97
CA TRP A 155 -20.09 11.70 -27.44
C TRP A 155 -20.58 10.82 -26.30
N TYR A 156 -19.90 10.87 -25.17
CA TYR A 156 -20.23 10.04 -24.03
C TYR A 156 -21.58 10.42 -23.39
N SER A 157 -21.90 11.70 -23.42
CA SER A 157 -23.18 12.17 -22.88
C SER A 157 -24.34 11.67 -23.73
N MET A 158 -24.09 11.48 -25.03
CA MET A 158 -25.11 10.98 -25.95
C MET A 158 -25.23 9.47 -25.90
N LEU A 159 -24.43 8.85 -25.03
CA LEU A 159 -24.43 7.40 -24.86
C LEU A 159 -25.40 7.04 -23.74
N ILE A 160 -26.42 6.26 -24.07
CA ILE A 160 -27.53 6.01 -23.15
C ILE A 160 -27.13 5.24 -21.89
N LEU A 161 -26.52 4.08 -22.07
CA LEU A 161 -26.15 3.23 -20.95
C LEU A 161 -24.65 3.04 -20.86
N PRO A 162 -24.09 3.14 -19.65
CA PRO A 162 -22.65 2.99 -19.44
C PRO A 162 -22.17 1.60 -19.85
N PRO A 163 -20.90 1.48 -20.27
CA PRO A 163 -20.43 0.16 -20.71
C PRO A 163 -20.31 -0.81 -19.57
N LEU A 164 -20.31 -2.10 -19.88
CA LEU A 164 -20.17 -3.15 -18.88
C LEU A 164 -19.20 -4.19 -19.41
N LEU A 165 -18.04 -4.32 -18.75
CA LEU A 165 -16.99 -5.20 -19.24
C LEU A 165 -17.34 -6.67 -19.09
N LYS A 166 -16.81 -7.49 -19.99
CA LYS A 166 -17.05 -8.93 -19.97
C LYS A 166 -15.77 -9.66 -19.60
N ASP A 167 -15.92 -10.73 -18.83
CA ASP A 167 -14.78 -11.56 -18.45
C ASP A 167 -13.62 -10.73 -17.89
N SER A 168 -13.95 -9.73 -17.09
CA SER A 168 -12.93 -8.91 -16.44
C SER A 168 -12.03 -9.77 -15.55
N VAL A 169 -10.72 -9.54 -15.62
CA VAL A 169 -9.78 -10.21 -14.75
C VAL A 169 -10.12 -9.97 -13.27
N ALA A 170 -10.82 -8.86 -13.02
CA ALA A 170 -11.20 -8.48 -11.66
C ALA A 170 -12.40 -9.28 -11.15
N ALA A 171 -13.12 -9.92 -12.06
CA ALA A 171 -14.38 -10.61 -11.74
C ALA A 171 -14.28 -11.66 -10.63
N PRO A 172 -13.31 -12.59 -10.72
CA PRO A 172 -13.20 -13.64 -9.71
C PRO A 172 -13.00 -13.10 -8.29
N LEU A 173 -12.35 -11.96 -8.18
CA LEU A 173 -12.09 -11.34 -6.88
C LEU A 173 -13.28 -10.51 -6.40
N LEU A 174 -14.32 -10.44 -7.21
CA LEU A 174 -15.45 -9.56 -6.92
C LEU A 174 -16.80 -10.27 -6.88
N SER A 175 -16.78 -11.59 -6.67
CA SER A 175 -18.00 -12.40 -6.70
C SER A 175 -19.11 -11.88 -5.79
N ALA A 176 -18.73 -11.29 -4.66
CA ALA A 176 -19.69 -10.87 -3.65
C ALA A 176 -20.48 -9.62 -4.03
N TYR A 177 -20.12 -9.00 -5.13
CA TYR A 177 -20.83 -7.81 -5.61
C TYR A 177 -21.71 -8.14 -6.81
N TYR A 178 -22.74 -7.32 -7.04
CA TYR A 178 -23.50 -7.38 -8.28
C TYR A 178 -22.66 -6.77 -9.38
N PRO A 179 -22.30 -7.57 -10.39
CA PRO A 179 -21.37 -7.17 -11.45
C PRO A 179 -21.61 -5.78 -12.04
N ASP A 180 -22.86 -5.32 -12.09
CA ASP A 180 -23.15 -4.02 -12.69
C ASP A 180 -22.84 -2.84 -11.78
N CYS A 181 -22.68 -3.10 -10.49
CA CYS A 181 -22.27 -2.07 -9.55
C CYS A 181 -20.75 -1.83 -9.62
N VAL A 182 -20.04 -2.78 -10.22
CA VAL A 182 -18.60 -2.66 -10.39
C VAL A 182 -18.19 -2.65 -11.87
N GLY A 183 -19.10 -2.17 -12.71
CA GLY A 183 -18.83 -1.96 -14.12
C GLY A 183 -18.67 -3.22 -14.96
N MET A 184 -19.24 -4.32 -14.49
CA MET A 184 -19.15 -5.60 -15.22
C MET A 184 -20.53 -6.08 -15.64
N SER A 185 -20.57 -6.96 -16.64
CA SER A 185 -21.85 -7.43 -17.19
C SER A 185 -22.43 -8.61 -16.41
N PRO A 186 -23.66 -8.45 -15.90
CA PRO A 186 -24.37 -9.49 -15.16
C PRO A 186 -24.52 -10.80 -15.94
N SER A 187 -24.59 -10.69 -17.27
CA SER A 187 -24.85 -11.85 -18.11
C SER A 187 -23.63 -12.76 -18.25
N CYS A 188 -22.55 -12.41 -17.56
CA CYS A 188 -21.34 -13.22 -17.62
C CYS A 188 -21.39 -14.40 -16.65
N THR A 189 -20.62 -15.44 -16.94
CA THR A 189 -20.60 -16.65 -16.14
C THR A 189 -19.39 -16.67 -15.20
N GLY A 218 -3.50 -18.95 -9.09
CA GLY A 218 -3.38 -18.70 -7.66
C GLY A 218 -2.67 -17.40 -7.35
N MET A 219 -3.43 -16.41 -6.88
CA MET A 219 -2.86 -15.13 -6.49
C MET A 219 -2.31 -15.19 -5.08
N ASN A 220 -1.20 -14.50 -4.84
CA ASN A 220 -0.61 -14.42 -3.51
C ASN A 220 -1.69 -14.08 -2.49
N ARG A 221 -1.78 -14.87 -1.44
CA ARG A 221 -2.83 -14.71 -0.42
C ARG A 221 -2.79 -13.36 0.27
N TYR A 222 -1.68 -12.64 0.10
CA TYR A 222 -1.50 -11.34 0.75
C TYR A 222 -2.07 -10.21 -0.10
N PHE A 223 -2.36 -10.51 -1.36
CA PHE A 223 -2.95 -9.53 -2.26
C PHE A 223 -4.48 -9.54 -2.15
N GLN A 224 -5.02 -8.62 -1.36
CA GLN A 224 -6.46 -8.46 -1.23
C GLN A 224 -6.80 -6.99 -1.38
N PRO A 225 -6.74 -6.49 -2.62
CA PRO A 225 -6.87 -5.06 -2.90
C PRO A 225 -8.31 -4.55 -2.79
N PHE A 226 -9.29 -5.45 -2.84
CA PHE A 226 -10.69 -5.04 -2.83
C PHE A 226 -11.36 -5.38 -1.50
N TYR A 227 -11.98 -4.38 -0.89
CA TYR A 227 -12.87 -4.62 0.24
C TYR A 227 -13.97 -5.59 -0.17
N GLN A 228 -14.32 -6.49 0.74
CA GLN A 228 -15.49 -7.33 0.53
C GLN A 228 -16.69 -6.56 1.06
N PRO A 229 -17.90 -6.92 0.60
CA PRO A 229 -19.09 -6.17 1.02
C PRO A 229 -19.19 -6.10 2.53
N ASN A 230 -19.39 -4.90 3.07
CA ASN A 230 -19.45 -4.69 4.51
C ASN A 230 -18.40 -5.49 5.29
N GLU A 231 -17.15 -5.03 5.17
CA GLU A 231 -16.02 -5.64 5.85
C GLU A 231 -15.27 -4.55 6.62
N CYS A 232 -14.74 -4.87 7.79
CA CYS A 232 -14.05 -3.86 8.59
C CYS A 232 -12.83 -3.32 7.84
N GLY A 233 -12.42 -2.10 8.20
CA GLY A 233 -11.34 -1.44 7.52
C GLY A 233 -10.01 -2.17 7.62
N LYS A 234 -9.27 -2.19 6.51
CA LYS A 234 -7.90 -2.66 6.51
C LYS A 234 -7.06 -1.86 5.51
N ALA A 235 -5.75 -1.80 5.77
CA ALA A 235 -4.84 -0.90 5.06
C ALA A 235 -4.73 -1.18 3.58
N LEU A 236 -4.61 -0.11 2.80
CA LEU A 236 -4.42 -0.19 1.35
C LEU A 236 -5.48 -1.04 0.67
N CYS A 237 -6.74 -0.82 1.05
CA CYS A 237 -7.85 -1.54 0.47
C CYS A 237 -8.81 -0.54 -0.16
N VAL A 238 -9.37 -0.88 -1.31
CA VAL A 238 -10.31 0.03 -1.99
C VAL A 238 -11.68 -0.61 -2.19
N ARG A 239 -12.70 0.24 -2.28
CA ARG A 239 -14.05 -0.22 -2.58
C ARG A 239 -14.21 -0.37 -4.10
N PRO A 240 -14.53 -1.59 -4.54
CA PRO A 240 -14.70 -1.86 -5.97
C PRO A 240 -15.78 -0.97 -6.60
N ASP A 241 -16.72 -0.53 -5.77
CA ASP A 241 -17.91 0.17 -6.28
C ASP A 241 -18.00 1.65 -5.89
N VAL A 242 -16.94 2.20 -5.31
CA VAL A 242 -16.91 3.62 -4.99
C VAL A 242 -15.57 4.24 -5.34
N MET A 243 -15.60 5.45 -5.90
CA MET A 243 -14.39 6.20 -6.22
C MET A 243 -13.82 6.89 -4.98
N GLU A 244 -12.51 6.80 -4.80
CA GLU A 244 -11.83 7.43 -3.66
C GLU A 244 -11.80 8.93 -3.86
N LEU A 245 -11.41 9.66 -2.81
CA LEU A 245 -11.32 11.12 -2.87
C LEU A 245 -10.41 11.61 -4.00
N ASP A 246 -9.19 11.08 -4.05
CA ASP A 246 -8.21 11.47 -5.06
C ASP A 246 -8.69 11.13 -6.47
N GLU A 247 -9.37 9.99 -6.61
CA GLU A 247 -9.93 9.59 -7.90
C GLU A 247 -11.01 10.59 -8.34
N LEU A 248 -11.92 10.93 -7.42
CA LEU A 248 -12.94 11.93 -7.70
C LEU A 248 -12.32 13.26 -8.11
N TYR A 249 -11.25 13.63 -7.41
CA TYR A 249 -10.54 14.88 -7.64
C TYR A 249 -9.89 14.95 -9.02
N GLU A 250 -9.35 13.81 -9.47
CA GLU A 250 -8.66 13.76 -10.76
C GLU A 250 -9.62 13.47 -11.92
N PHE A 251 -10.72 12.80 -11.61
CA PHE A 251 -11.71 12.47 -12.64
C PHE A 251 -13.11 12.91 -12.21
N PRO A 252 -13.33 14.23 -12.17
CA PRO A 252 -14.59 14.83 -11.72
C PRO A 252 -15.74 14.42 -12.64
N GLU A 253 -15.43 14.23 -13.91
CA GLU A 253 -16.45 13.92 -14.92
C GLU A 253 -17.15 12.59 -14.64
N TYR A 254 -16.67 11.87 -13.63
CA TYR A 254 -17.23 10.56 -13.29
C TYR A 254 -18.05 10.59 -12.00
N SER A 255 -18.05 11.71 -11.30
CA SER A 255 -18.79 11.82 -10.04
C SER A 255 -20.25 11.44 -10.23
N ARG A 256 -20.80 11.77 -11.39
CA ARG A 256 -22.18 11.42 -11.72
C ARG A 256 -22.34 9.92 -11.96
N ASP A 257 -21.48 9.36 -12.80
CA ASP A 257 -21.53 7.94 -13.10
C ASP A 257 -20.13 7.36 -13.17
N PRO A 258 -19.78 6.55 -12.16
CA PRO A 258 -18.44 5.98 -11.97
C PRO A 258 -18.29 4.61 -12.64
N THR A 259 -19.41 4.00 -13.04
CA THR A 259 -19.41 2.66 -13.63
C THR A 259 -18.19 2.36 -14.49
N MET A 260 -17.98 3.17 -15.51
CA MET A 260 -16.91 2.95 -16.47
C MET A 260 -15.52 3.11 -15.84
N TYR A 261 -15.36 4.10 -14.98
CA TYR A 261 -14.09 4.31 -14.29
C TYR A 261 -13.75 3.12 -13.40
N LEU A 262 -14.70 2.72 -12.56
CA LEU A 262 -14.50 1.62 -11.62
C LEU A 262 -14.06 0.35 -12.32
N ALA A 263 -14.71 0.05 -13.44
CA ALA A 263 -14.40 -1.17 -14.18
C ALA A 263 -12.95 -1.16 -14.66
N LEU A 264 -12.52 -0.03 -15.22
CA LEU A 264 -11.15 0.11 -15.71
C LEU A 264 -10.13 0.05 -14.57
N ARG A 265 -10.40 0.77 -13.49
CA ARG A 265 -9.51 0.78 -12.33
C ARG A 265 -9.40 -0.61 -11.72
N ASN A 266 -10.55 -1.27 -11.55
CA ASN A 266 -10.57 -2.62 -10.99
C ASN A 266 -9.82 -3.61 -11.86
N LEU A 267 -9.99 -3.47 -13.17
CA LEU A 267 -9.30 -4.34 -14.12
C LEU A 267 -7.78 -4.15 -14.00
N ILE A 268 -7.36 -2.89 -13.90
CA ILE A 268 -5.95 -2.53 -13.76
C ILE A 268 -5.32 -3.09 -12.48
N LEU A 269 -6.02 -2.96 -11.37
CA LEU A 269 -5.51 -3.48 -10.10
C LEU A 269 -5.35 -5.00 -10.17
N ALA A 270 -6.37 -5.66 -10.71
CA ALA A 270 -6.38 -7.12 -10.84
C ALA A 270 -5.24 -7.61 -11.73
N LEU A 271 -4.96 -6.86 -12.80
CA LEU A 271 -3.87 -7.20 -13.70
C LEU A 271 -2.52 -7.02 -13.03
N TRP A 272 -2.36 -5.89 -12.34
CA TRP A 272 -1.11 -5.61 -11.63
C TRP A 272 -0.78 -6.74 -10.67
N TYR A 273 -1.73 -7.05 -9.79
CA TYR A 273 -1.53 -8.07 -8.77
C TYR A 273 -1.48 -9.49 -9.33
N THR A 274 -1.98 -9.65 -10.54
CA THR A 274 -1.90 -10.94 -11.22
C THR A 274 -0.47 -11.19 -11.69
N ASN A 275 0.20 -10.12 -12.12
CA ASN A 275 1.62 -10.20 -12.45
C ASN A 275 2.39 -8.95 -12.05
N CYS A 276 2.90 -8.93 -10.82
CA CYS A 276 3.54 -7.75 -10.27
C CYS A 276 5.03 -7.64 -10.61
N LYS A 277 5.52 -8.55 -11.44
CA LYS A 277 6.95 -8.59 -11.76
C LYS A 277 7.31 -7.83 -13.02
N GLU A 278 6.32 -7.27 -13.70
CA GLU A 278 6.55 -6.50 -14.92
C GLU A 278 5.66 -5.26 -14.94
N ALA A 279 6.07 -4.27 -15.71
CA ALA A 279 5.28 -3.05 -15.86
C ALA A 279 3.96 -3.33 -16.57
N LEU A 280 2.87 -2.85 -15.99
CA LEU A 280 1.56 -2.94 -16.63
C LEU A 280 1.39 -1.79 -17.62
N THR A 281 1.19 -2.12 -18.90
CA THR A 281 1.06 -1.09 -19.92
C THR A 281 -0.36 -1.07 -20.49
N PRO A 282 -0.69 0.00 -21.22
CA PRO A 282 -1.97 0.08 -21.95
C PRO A 282 -2.08 -1.08 -22.94
N GLN A 283 -1.01 -1.36 -23.66
CA GLN A 283 -0.99 -2.47 -24.61
C GLN A 283 -1.39 -3.79 -23.93
N LYS A 284 -0.99 -3.93 -22.68
CA LYS A 284 -1.29 -5.13 -21.91
C LYS A 284 -2.73 -5.17 -21.40
N CYS A 285 -3.30 -4.00 -21.12
CA CYS A 285 -4.66 -3.90 -20.60
C CYS A 285 -5.69 -4.02 -21.72
N ILE A 286 -5.40 -3.41 -22.86
CA ILE A 286 -6.37 -3.29 -23.95
C ILE A 286 -7.08 -4.59 -24.35
N PRO A 287 -6.32 -5.68 -24.56
CA PRO A 287 -6.97 -6.95 -24.92
C PRO A 287 -7.95 -7.48 -23.86
N HIS A 288 -7.83 -7.02 -22.63
CA HIS A 288 -8.68 -7.51 -21.54
C HIS A 288 -9.91 -6.63 -21.35
N ILE A 289 -10.03 -5.60 -22.17
CA ILE A 289 -11.23 -4.77 -22.19
C ILE A 289 -12.18 -5.32 -23.23
N ILE A 290 -13.16 -6.10 -22.80
CA ILE A 290 -14.12 -6.72 -23.72
C ILE A 290 -15.51 -6.17 -23.49
N VAL A 291 -15.99 -5.41 -24.48
CA VAL A 291 -17.33 -4.86 -24.44
C VAL A 291 -17.74 -4.47 -25.86
N ARG A 292 -19.03 -4.59 -26.16
CA ARG A 292 -19.54 -4.34 -27.52
C ARG A 292 -19.66 -2.86 -27.83
N GLY A 293 -19.72 -2.55 -29.13
CA GLY A 293 -20.04 -1.21 -29.59
C GLY A 293 -18.86 -0.25 -29.61
N LEU A 294 -19.13 0.96 -30.08
CA LEU A 294 -18.11 2.00 -30.16
C LEU A 294 -17.55 2.38 -28.79
N VAL A 295 -18.37 2.23 -27.75
CA VAL A 295 -17.96 2.61 -26.41
C VAL A 295 -16.63 1.95 -26.03
N ARG A 296 -16.36 0.77 -26.59
CA ARG A 296 -15.11 0.08 -26.33
C ARG A 296 -13.92 0.97 -26.65
N ILE A 297 -14.10 1.79 -27.68
CA ILE A 297 -13.07 2.74 -28.09
C ILE A 297 -12.82 3.78 -27.00
N ARG A 298 -13.90 4.20 -26.36
CA ARG A 298 -13.82 5.14 -25.24
C ARG A 298 -13.06 4.51 -24.09
N CYS A 299 -13.43 3.28 -23.75
CA CYS A 299 -12.79 2.53 -22.68
C CYS A 299 -11.28 2.37 -22.89
N VAL A 300 -10.88 2.05 -24.12
CA VAL A 300 -9.46 1.91 -24.45
C VAL A 300 -8.71 3.22 -24.30
N GLN A 301 -9.33 4.31 -24.74
CA GLN A 301 -8.72 5.62 -24.68
C GLN A 301 -8.62 6.12 -23.24
N GLU A 302 -9.52 5.65 -22.40
CA GLU A 302 -9.56 6.05 -21.00
C GLU A 302 -8.59 5.26 -20.12
N VAL A 303 -8.41 3.98 -20.45
CA VAL A 303 -7.56 3.10 -19.64
C VAL A 303 -6.15 3.66 -19.48
N GLU A 304 -5.71 4.45 -20.46
CA GLU A 304 -4.36 5.02 -20.42
C GLU A 304 -4.23 6.10 -19.35
N ARG A 305 -5.18 7.03 -19.32
CA ARG A 305 -5.21 8.08 -18.30
C ARG A 305 -5.24 7.47 -16.91
N ILE A 306 -6.17 6.53 -16.73
CA ILE A 306 -6.37 5.89 -15.43
C ILE A 306 -5.11 5.16 -14.99
N LEU A 307 -4.48 4.45 -15.93
CA LEU A 307 -3.27 3.71 -15.63
C LEU A 307 -2.13 4.61 -15.16
N TYR A 308 -2.00 5.78 -15.79
CA TYR A 308 -0.95 6.73 -15.42
C TYR A 308 -1.23 7.35 -14.05
N PHE A 309 -2.50 7.51 -13.72
CA PHE A 309 -2.90 8.02 -12.42
C PHE A 309 -2.57 7.02 -11.31
N MET A 310 -2.85 5.75 -11.57
CA MET A 310 -2.58 4.68 -10.61
C MET A 310 -1.09 4.50 -10.41
N THR A 311 -0.33 4.62 -11.49
CA THR A 311 1.12 4.53 -11.41
C THR A 311 1.69 5.65 -10.56
N ARG A 312 1.27 6.89 -10.82
CA ARG A 312 1.79 8.04 -10.08
C ARG A 312 1.50 7.94 -8.57
N LYS A 313 0.28 7.55 -8.23
CA LYS A 313 -0.13 7.43 -6.83
C LYS A 313 0.58 6.25 -6.15
N GLY A 314 1.16 5.37 -6.95
CA GLY A 314 1.92 4.25 -6.42
C GLY A 314 1.10 3.01 -6.13
N LEU A 315 -0.05 2.89 -6.79
CA LEU A 315 -0.93 1.74 -6.62
C LEU A 315 -0.45 0.54 -7.44
N ILE A 316 0.18 0.82 -8.58
CA ILE A 316 0.65 -0.22 -9.48
C ILE A 316 2.03 0.16 -10.02
N ASN A 317 2.68 -0.77 -10.72
CA ASN A 317 4.00 -0.51 -11.29
C ASN A 317 4.92 0.09 -10.23
N THR A 318 5.06 -0.62 -9.12
CA THR A 318 5.77 -0.10 -7.96
C THR A 318 6.51 -1.23 -7.25
N GLY A 319 6.87 -1.01 -5.99
CA GLY A 319 7.71 -1.95 -5.29
C GLY A 319 9.13 -1.91 -5.83
N VAL A 320 9.74 -3.08 -6.04
CA VAL A 320 11.10 -3.14 -6.53
C VAL A 320 11.20 -3.32 -8.04
N LEU A 321 10.10 -3.05 -8.73
CA LEU A 321 10.09 -3.06 -10.19
C LEU A 321 11.05 -1.99 -10.69
N SER A 322 11.88 -2.34 -11.67
CA SER A 322 12.82 -1.40 -12.26
C SER A 322 12.65 -1.33 -13.77
N VAL A 323 12.84 -0.14 -14.34
CA VAL A 323 12.65 0.04 -15.79
C VAL A 323 13.70 0.94 -16.42
N GLY A 324 14.18 0.52 -17.60
CA GLY A 324 15.21 1.26 -18.31
C GLY A 324 14.71 2.55 -18.93
N ALA A 325 15.65 3.35 -19.43
CA ALA A 325 15.32 4.62 -20.07
C ALA A 325 14.24 4.48 -21.12
N ASP A 326 14.33 3.41 -21.90
CA ASP A 326 13.37 3.12 -22.97
C ASP A 326 11.96 2.88 -22.45
N GLN A 327 11.80 2.73 -21.14
CA GLN A 327 10.53 2.24 -20.59
C GLN A 327 9.98 3.00 -19.38
N TYR A 328 10.18 4.31 -19.34
CA TYR A 328 9.69 5.11 -18.21
C TYR A 328 8.16 5.04 -18.07
N LEU A 329 7.70 5.05 -16.82
CA LEU A 329 6.31 4.74 -16.50
C LEU A 329 5.31 5.87 -16.72
N LEU A 330 5.80 7.09 -16.86
CA LEU A 330 4.92 8.23 -17.12
C LEU A 330 5.32 8.94 -18.40
N PRO A 331 4.37 9.63 -19.06
CA PRO A 331 4.66 10.38 -20.28
C PRO A 331 5.71 11.45 -20.05
N LYS A 332 6.35 11.90 -21.12
CA LYS A 332 7.49 12.83 -21.03
C LYS A 332 7.20 14.16 -20.32
N ASP A 333 5.94 14.44 -20.05
CA ASP A 333 5.58 15.72 -19.43
C ASP A 333 5.83 15.76 -17.93
N TYR A 334 5.79 14.61 -17.27
CA TYR A 334 6.19 14.55 -15.87
C TYR A 334 7.71 14.65 -15.78
N HIS A 335 8.38 14.28 -16.88
CA HIS A 335 9.82 14.05 -16.86
C HIS A 335 10.68 15.26 -16.58
N ASN A 336 10.30 16.42 -17.10
CA ASN A 336 11.13 17.61 -16.93
C ASN A 336 11.10 18.22 -15.53
N LYS A 337 12.05 17.79 -14.71
CA LYS A 337 12.33 18.42 -13.42
C LYS A 337 13.34 17.56 -12.70
N SER A 338 13.99 18.13 -11.70
CA SER A 338 15.05 17.42 -10.99
C SER A 338 14.80 17.39 -9.49
N VAL A 339 15.22 16.31 -8.85
CA VAL A 339 14.99 16.16 -7.41
C VAL A 339 16.25 15.72 -6.67
N ILE A 340 16.49 16.34 -5.52
CA ILE A 340 17.50 15.84 -4.59
C ILE A 340 16.80 15.19 -3.40
N ILE A 341 17.12 13.93 -3.16
CA ILE A 341 16.57 13.20 -2.02
C ILE A 341 17.65 13.02 -0.94
N ILE A 342 17.34 13.44 0.27
CA ILE A 342 18.31 13.40 1.36
C ILE A 342 17.98 12.27 2.31
N GLY A 343 18.85 11.27 2.34
CA GLY A 343 18.63 10.07 3.13
C GLY A 343 18.35 8.89 2.23
N ALA A 344 19.10 7.80 2.41
CA ALA A 344 18.89 6.60 1.60
C ALA A 344 18.37 5.43 2.43
N GLY A 345 17.41 5.71 3.30
CA GLY A 345 16.68 4.68 4.01
C GLY A 345 15.49 4.27 3.17
N PRO A 346 14.59 3.46 3.74
CA PRO A 346 13.39 3.02 3.01
C PRO A 346 12.60 4.17 2.40
N ALA A 347 12.47 5.28 3.13
CA ALA A 347 11.70 6.43 2.65
C ALA A 347 12.36 7.10 1.45
N GLY A 348 13.64 7.42 1.55
CA GLY A 348 14.33 8.07 0.45
C GLY A 348 14.43 7.17 -0.76
N LEU A 349 14.70 5.89 -0.53
CA LEU A 349 14.86 4.92 -1.61
C LEU A 349 13.53 4.62 -2.30
N ALA A 350 12.44 4.60 -1.55
CA ALA A 350 11.12 4.45 -2.14
C ALA A 350 10.84 5.57 -3.12
N ALA A 351 10.99 6.81 -2.64
CA ALA A 351 10.80 7.99 -3.47
C ALA A 351 11.73 7.98 -4.69
N ALA A 352 13.00 7.68 -4.44
CA ALA A 352 14.00 7.65 -5.51
C ALA A 352 13.65 6.62 -6.58
N ARG A 353 13.26 5.44 -6.13
CA ARG A 353 12.83 4.38 -7.04
C ARG A 353 11.64 4.81 -7.87
N GLN A 354 10.63 5.37 -7.21
CA GLN A 354 9.41 5.81 -7.88
C GLN A 354 9.71 6.88 -8.92
N LEU A 355 10.38 7.95 -8.49
CA LEU A 355 10.68 9.07 -9.37
C LEU A 355 11.55 8.65 -10.56
N HIS A 356 12.58 7.87 -10.29
CA HIS A 356 13.43 7.34 -11.36
C HIS A 356 12.58 6.57 -12.37
N ASN A 357 11.78 5.63 -11.87
CA ASN A 357 10.87 4.87 -12.72
C ASN A 357 9.93 5.77 -13.54
N PHE A 358 9.57 6.92 -12.98
CA PHE A 358 8.69 7.86 -13.66
C PHE A 358 9.39 8.54 -14.83
N GLY A 359 10.71 8.61 -14.76
CA GLY A 359 11.50 9.29 -15.77
C GLY A 359 11.98 10.64 -15.28
N ILE A 360 11.95 10.84 -13.97
CA ILE A 360 12.39 12.08 -13.37
C ILE A 360 13.84 11.98 -12.90
N LYS A 361 14.60 13.05 -13.11
CA LYS A 361 16.01 13.08 -12.75
C LYS A 361 16.20 13.14 -11.23
N VAL A 362 16.79 12.10 -10.67
CA VAL A 362 16.92 11.96 -9.24
C VAL A 362 18.35 11.80 -8.77
N THR A 363 18.69 12.49 -7.68
CA THR A 363 19.97 12.32 -7.01
C THR A 363 19.77 12.16 -5.51
N VAL A 364 20.28 11.08 -4.92
CA VAL A 364 20.16 10.92 -3.48
C VAL A 364 21.48 11.14 -2.74
N LEU A 365 21.41 11.89 -1.65
CA LEU A 365 22.58 12.17 -0.83
C LEU A 365 22.46 11.50 0.54
N GLU A 366 23.35 10.56 0.81
CA GLU A 366 23.34 9.83 2.07
C GLU A 366 24.57 10.16 2.92
N ALA A 367 24.32 10.48 4.19
CA ALA A 367 25.38 10.88 5.10
C ALA A 367 26.36 9.75 5.44
N LYS A 368 25.83 8.55 5.68
CA LYS A 368 26.65 7.42 6.10
C LYS A 368 27.39 6.79 4.91
N ASP A 369 28.21 5.79 5.20
CA ASP A 369 28.98 5.11 4.15
C ASP A 369 28.24 3.90 3.62
N ARG A 370 26.94 3.84 3.89
CA ARG A 370 26.09 2.75 3.43
C ARG A 370 24.66 3.24 3.30
N ILE A 371 23.92 2.66 2.35
CA ILE A 371 22.49 2.88 2.27
C ILE A 371 21.80 2.01 3.31
N GLY A 372 20.52 2.28 3.58
CA GLY A 372 19.75 1.43 4.47
C GLY A 372 19.10 2.14 5.65
N GLY A 373 19.82 3.10 6.23
CA GLY A 373 19.33 3.77 7.42
C GLY A 373 19.14 2.79 8.57
N ARG A 374 17.92 2.72 9.10
CA ARG A 374 17.61 1.80 10.18
C ARG A 374 17.38 0.37 9.70
N VAL A 375 17.61 0.14 8.40
CA VAL A 375 17.74 -1.20 7.90
C VAL A 375 19.23 -1.46 7.71
N TRP A 376 19.75 -2.44 8.43
CA TRP A 376 21.17 -2.79 8.36
C TRP A 376 21.36 -4.24 8.78
N ASP A 377 21.56 -5.11 7.81
CA ASP A 377 21.67 -6.55 8.09
C ASP A 377 23.10 -7.04 8.25
N ASP A 378 23.29 -7.91 9.23
CA ASP A 378 24.56 -8.62 9.39
C ASP A 378 24.43 -9.98 8.71
N LYS A 379 25.19 -10.16 7.62
CA LYS A 379 25.09 -11.37 6.80
C LYS A 379 26.26 -12.31 7.02
N SER A 380 26.97 -12.12 8.13
CA SER A 380 28.16 -12.92 8.37
C SER A 380 27.94 -14.08 9.35
N PHE A 381 26.74 -14.14 9.94
CA PHE A 381 26.38 -15.32 10.74
C PHE A 381 26.11 -16.48 9.78
N LYS A 382 26.87 -17.55 9.94
CA LYS A 382 26.77 -18.73 9.08
C LYS A 382 25.34 -19.21 8.87
N GLY A 383 24.86 -19.12 7.64
CA GLY A 383 23.58 -19.68 7.26
C GLY A 383 22.36 -18.92 7.73
N VAL A 384 22.56 -17.68 8.20
CA VAL A 384 21.43 -16.83 8.62
C VAL A 384 21.71 -15.34 8.47
N THR A 385 20.65 -14.54 8.29
CA THR A 385 20.79 -13.09 8.20
C THR A 385 20.16 -12.45 9.44
N VAL A 386 20.96 -11.71 10.20
CA VAL A 386 20.48 -11.07 11.41
C VAL A 386 20.40 -9.54 11.27
N GLY A 387 19.20 -9.00 11.40
CA GLY A 387 19.01 -7.56 11.31
C GLY A 387 19.55 -6.85 12.54
N ARG A 388 20.36 -5.82 12.31
CA ARG A 388 20.79 -4.95 13.40
C ARG A 388 19.69 -3.96 13.68
N GLY A 389 18.88 -3.69 12.66
CA GLY A 389 17.72 -2.84 12.79
C GLY A 389 16.45 -3.64 12.57
N ALA A 390 15.60 -3.14 11.67
CA ALA A 390 14.33 -3.78 11.38
C ALA A 390 14.50 -5.15 10.73
N GLN A 391 13.58 -6.07 11.03
CA GLN A 391 13.53 -7.36 10.34
C GLN A 391 12.14 -8.01 10.42
N ILE A 392 11.17 -7.30 11.01
CA ILE A 392 9.84 -7.85 11.19
C ILE A 392 8.76 -7.13 10.37
N VAL A 393 7.80 -7.90 9.88
CA VAL A 393 6.68 -7.33 9.14
C VAL A 393 5.36 -7.58 9.86
N ASN A 394 4.72 -6.49 10.30
CA ASN A 394 3.47 -6.60 11.05
C ASN A 394 2.24 -6.41 10.18
N GLY A 395 1.69 -7.51 9.69
CA GLY A 395 0.53 -7.48 8.83
C GLY A 395 0.87 -7.44 7.35
N CYS A 396 0.91 -8.62 6.73
CA CYS A 396 1.38 -8.75 5.35
C CYS A 396 0.32 -8.48 4.29
N ILE A 397 -0.94 -8.60 4.66
CA ILE A 397 -2.02 -8.37 3.71
C ILE A 397 -1.98 -6.94 3.16
N ASN A 398 -1.82 -6.82 1.85
CA ASN A 398 -1.73 -5.54 1.16
C ASN A 398 -0.47 -4.75 1.52
N ASN A 399 0.44 -5.38 2.25
CA ASN A 399 1.65 -4.70 2.65
C ASN A 399 2.64 -4.66 1.48
N PRO A 400 3.14 -3.45 1.15
CA PRO A 400 4.11 -3.27 0.07
C PRO A 400 5.31 -4.19 0.25
N VAL A 401 5.66 -4.46 1.50
CA VAL A 401 6.78 -5.34 1.80
C VAL A 401 6.50 -6.77 1.32
N ALA A 402 5.27 -7.21 1.46
CA ALA A 402 4.89 -8.56 1.02
C ALA A 402 4.81 -8.61 -0.50
N LEU A 403 4.41 -7.49 -1.10
CA LEU A 403 4.43 -7.35 -2.55
C LEU A 403 5.85 -7.48 -3.08
N MET A 404 6.79 -6.79 -2.43
CA MET A 404 8.17 -6.76 -2.89
C MET A 404 8.85 -8.11 -2.69
N CYS A 405 8.40 -8.85 -1.69
CA CYS A 405 8.86 -10.22 -1.48
C CYS A 405 8.41 -11.10 -2.63
N GLU A 406 7.18 -10.92 -3.07
CA GLU A 406 6.64 -11.66 -4.21
C GLU A 406 7.46 -11.37 -5.46
N GLN A 407 7.73 -10.09 -5.69
CA GLN A 407 8.54 -9.66 -6.83
C GLN A 407 9.94 -10.24 -6.78
N LEU A 408 10.48 -10.38 -5.58
CA LEU A 408 11.84 -10.89 -5.38
C LEU A 408 11.83 -12.41 -5.25
N GLY A 409 10.65 -12.99 -5.14
CA GLY A 409 10.52 -14.43 -5.00
C GLY A 409 11.17 -14.94 -3.73
N ILE A 410 11.02 -14.18 -2.65
CA ILE A 410 11.54 -14.60 -1.36
C ILE A 410 10.39 -14.91 -0.41
N SER A 411 10.68 -15.70 0.62
CA SER A 411 9.65 -16.12 1.56
C SER A 411 9.85 -15.52 2.95
N MET A 412 8.74 -15.26 3.63
CA MET A 412 8.76 -14.80 5.01
C MET A 412 8.36 -15.93 5.95
N HIS A 413 8.78 -15.84 7.20
CA HIS A 413 8.37 -16.84 8.19
C HIS A 413 7.31 -16.28 9.14
N LYS A 414 6.12 -16.84 9.08
CA LYS A 414 5.05 -16.46 10.02
C LYS A 414 5.36 -16.96 11.42
N PHE A 415 5.27 -16.06 12.40
CA PHE A 415 5.55 -16.39 13.78
C PHE A 415 4.49 -17.32 14.36
N GLY A 416 4.93 -18.32 15.11
CA GLY A 416 4.03 -19.14 15.89
C GLY A 416 3.55 -18.33 17.07
N GLU A 417 2.52 -18.81 17.77
CA GLU A 417 1.94 -18.05 18.87
C GLU A 417 2.69 -18.21 20.19
N ARG A 418 3.16 -19.43 20.47
CA ARG A 418 3.70 -19.74 21.79
C ARG A 418 4.94 -18.92 22.15
N CYS A 419 4.87 -18.29 23.31
CA CYS A 419 5.98 -17.51 23.84
C CYS A 419 6.01 -17.68 25.36
N ASP A 420 6.57 -18.79 25.79
CA ASP A 420 6.72 -19.08 27.21
C ASP A 420 7.48 -17.95 27.91
N LEU A 421 6.94 -17.51 29.04
CA LEU A 421 7.63 -16.56 29.90
C LEU A 421 8.50 -17.33 30.88
N ILE A 422 9.79 -17.36 30.61
CA ILE A 422 10.73 -18.08 31.45
C ILE A 422 11.27 -17.18 32.55
N GLN A 423 11.34 -17.72 33.76
CA GLN A 423 11.83 -16.98 34.90
C GLN A 423 13.30 -17.26 35.13
N GLU A 424 13.93 -16.40 35.92
CA GLU A 424 15.20 -16.73 36.54
C GLU A 424 14.85 -17.43 37.85
N GLY A 425 15.31 -18.67 38.00
CA GLY A 425 16.09 -19.33 36.99
C GLY A 425 15.54 -20.69 36.60
N GLY A 426 14.89 -20.75 35.46
CA GLY A 426 14.47 -22.02 34.90
C GLY A 426 12.97 -22.24 34.80
N ARG A 427 12.22 -21.83 35.81
CA ARG A 427 10.78 -22.10 35.84
C ARG A 427 10.04 -21.42 34.71
N ILE A 428 9.26 -22.21 33.98
CA ILE A 428 8.39 -21.68 32.93
C ILE A 428 7.06 -21.25 33.56
N THR A 429 6.71 -19.99 33.37
CA THR A 429 5.52 -19.43 34.01
C THR A 429 4.24 -20.13 33.56
N ASP A 430 3.38 -20.44 34.52
CA ASP A 430 2.06 -20.97 34.22
C ASP A 430 1.34 -20.02 33.28
N PRO A 431 0.96 -20.51 32.09
CA PRO A 431 0.29 -19.69 31.08
C PRO A 431 -0.91 -18.90 31.62
N THR A 432 -1.58 -19.42 32.64
CA THR A 432 -2.72 -18.72 33.23
C THR A 432 -2.29 -17.44 33.93
N ILE A 433 -1.06 -17.43 34.43
CA ILE A 433 -0.49 -16.24 35.06
C ILE A 433 -0.12 -15.22 33.97
N ASP A 434 0.33 -15.73 32.83
CA ASP A 434 0.67 -14.88 31.69
C ASP A 434 -0.58 -14.17 31.16
N LYS A 435 -1.67 -14.94 31.01
CA LYS A 435 -2.92 -14.41 30.47
C LYS A 435 -3.68 -13.52 31.44
N ARG A 436 -3.56 -13.81 32.74
CA ARG A 436 -4.26 -13.00 33.74
C ARG A 436 -3.69 -11.60 33.83
N MET A 437 -2.37 -11.50 33.88
CA MET A 437 -1.70 -10.20 34.03
C MET A 437 -1.74 -9.42 32.72
N ASP A 438 -1.74 -10.13 31.61
CA ASP A 438 -1.92 -9.50 30.31
C ASP A 438 -3.30 -8.86 30.29
N PHE A 439 -4.30 -9.63 30.70
CA PHE A 439 -5.66 -9.13 30.79
C PHE A 439 -5.73 -7.87 31.63
N HIS A 440 -5.13 -7.92 32.81
CA HIS A 440 -5.11 -6.77 33.71
C HIS A 440 -4.39 -5.56 33.13
N PHE A 441 -3.29 -5.80 32.42
CA PHE A 441 -2.55 -4.70 31.84
C PHE A 441 -3.39 -3.96 30.79
N ASN A 442 -4.00 -4.73 29.89
CA ASN A 442 -4.88 -4.15 28.88
C ASN A 442 -6.06 -3.42 29.54
N ALA A 443 -6.44 -3.89 30.73
CA ALA A 443 -7.50 -3.26 31.50
C ALA A 443 -7.13 -1.84 31.88
N LEU A 444 -5.90 -1.69 32.39
CA LEU A 444 -5.38 -0.37 32.72
C LEU A 444 -5.36 0.53 31.50
N LEU A 445 -5.18 -0.07 30.32
CA LEU A 445 -5.15 0.70 29.09
C LEU A 445 -6.55 1.15 28.69
N ASP A 446 -7.54 0.27 28.84
CA ASP A 446 -8.92 0.62 28.57
C ASP A 446 -9.38 1.81 29.39
N VAL A 447 -9.10 1.78 30.69
CA VAL A 447 -9.50 2.87 31.58
C VAL A 447 -8.83 4.18 31.18
N VAL A 448 -7.60 4.11 30.68
CA VAL A 448 -6.90 5.30 30.19
C VAL A 448 -7.59 5.85 28.96
N SER A 449 -8.09 4.94 28.12
CA SER A 449 -8.80 5.33 26.90
C SER A 449 -10.13 6.00 27.26
N GLU A 450 -10.56 5.81 28.49
CA GLU A 450 -11.78 6.45 28.98
C GLU A 450 -11.46 7.82 29.56
N TRP A 451 -10.43 7.85 30.41
CA TRP A 451 -9.97 9.10 31.01
C TRP A 451 -9.54 10.11 29.95
N ARG A 452 -9.07 9.62 28.80
CA ARG A 452 -8.57 10.51 27.74
C ARG A 452 -9.69 11.28 27.04
N LYS A 453 -10.88 10.71 27.00
CA LYS A 453 -11.98 11.25 26.19
C LYS A 453 -12.33 12.73 26.40
N ASP A 454 -11.96 13.30 27.54
CA ASP A 454 -12.31 14.70 27.80
C ASP A 454 -11.11 15.58 28.17
N LYS A 455 -9.92 15.15 27.77
CA LYS A 455 -8.70 15.93 28.02
C LYS A 455 -8.16 16.54 26.74
N THR A 456 -7.48 17.67 26.86
CA THR A 456 -6.84 18.30 25.73
C THR A 456 -5.33 18.10 25.81
N GLN A 457 -4.62 18.57 24.79
CA GLN A 457 -3.16 18.47 24.77
C GLN A 457 -2.55 19.17 25.98
N LEU A 458 -3.18 20.27 26.40
CA LEU A 458 -2.72 21.03 27.56
C LEU A 458 -2.91 20.26 28.86
N GLN A 459 -3.70 19.18 28.79
CA GLN A 459 -4.03 18.39 29.97
C GLN A 459 -3.43 16.99 29.93
N ASP A 460 -2.57 16.74 28.95
CA ASP A 460 -2.00 15.41 28.78
C ASP A 460 -1.11 15.03 29.95
N VAL A 461 -1.13 13.75 30.31
CA VAL A 461 -0.25 13.20 31.33
C VAL A 461 0.45 11.96 30.76
N PRO A 462 1.66 11.66 31.22
CA PRO A 462 2.40 10.51 30.69
C PRO A 462 1.60 9.22 30.89
N LEU A 463 1.56 8.38 29.86
CA LEU A 463 0.87 7.10 29.96
C LEU A 463 1.36 6.31 31.17
N GLY A 464 2.68 6.34 31.38
CA GLY A 464 3.29 5.62 32.47
C GLY A 464 2.75 6.02 33.83
N GLU A 465 2.61 7.33 34.03
CA GLU A 465 2.08 7.87 35.28
C GLU A 465 0.62 7.44 35.48
N LYS A 466 -0.20 7.68 34.48
CA LYS A 466 -1.63 7.39 34.56
C LYS A 466 -1.94 5.91 34.76
N ILE A 467 -1.09 5.03 34.23
CA ILE A 467 -1.25 3.59 34.43
C ILE A 467 -1.08 3.24 35.91
N GLU A 468 0.12 3.50 36.41
CA GLU A 468 0.47 3.25 37.81
C GLU A 468 -0.65 3.70 38.73
N GLU A 469 -1.06 4.96 38.53
CA GLU A 469 -2.14 5.57 39.30
C GLU A 469 -3.41 4.73 39.29
N ILE A 470 -3.86 4.36 38.09
CA ILE A 470 -5.04 3.52 37.93
C ILE A 470 -4.85 2.15 38.59
N TYR A 471 -3.62 1.66 38.57
CA TYR A 471 -3.29 0.37 39.17
C TYR A 471 -3.48 0.38 40.68
N LYS A 472 -2.83 1.34 41.36
CA LYS A 472 -2.93 1.45 42.80
C LYS A 472 -4.37 1.73 43.23
N ALA A 473 -5.05 2.56 42.46
CA ALA A 473 -6.47 2.82 42.68
C ALA A 473 -7.24 1.51 42.70
N PHE A 474 -7.14 0.76 41.61
CA PHE A 474 -7.79 -0.53 41.48
C PHE A 474 -7.38 -1.50 42.60
N ILE A 475 -6.10 -1.50 42.94
CA ILE A 475 -5.59 -2.35 44.01
C ILE A 475 -6.24 -2.00 45.35
N LYS A 476 -6.33 -0.71 45.64
CA LYS A 476 -6.87 -0.27 46.92
C LYS A 476 -8.38 -0.44 46.98
N GLU A 477 -9.05 -0.33 45.84
CA GLU A 477 -10.47 -0.58 45.77
C GLU A 477 -10.74 -2.02 46.19
N SER A 478 -10.68 -2.95 45.25
CA SER A 478 -10.74 -4.37 45.57
C SER A 478 -9.38 -4.79 46.13
N GLY A 479 -9.37 -5.26 47.38
CA GLY A 479 -8.14 -5.56 48.09
C GLY A 479 -7.27 -6.63 47.46
N ILE A 480 -7.72 -7.19 46.35
CA ILE A 480 -6.95 -8.18 45.62
C ILE A 480 -5.45 -7.87 45.65
N GLN A 481 -4.66 -8.88 45.93
CA GLN A 481 -3.22 -8.71 45.91
C GLN A 481 -2.60 -9.70 44.95
N PHE A 482 -1.49 -9.29 44.34
CA PHE A 482 -0.82 -10.12 43.35
C PHE A 482 0.48 -10.70 43.91
N SER A 483 0.77 -11.94 43.54
CA SER A 483 1.99 -12.59 43.96
C SER A 483 3.20 -11.84 43.39
N GLU A 484 4.37 -12.12 43.95
CA GLU A 484 5.60 -11.50 43.46
C GLU A 484 5.75 -11.80 41.98
N LEU A 485 5.46 -13.04 41.60
CA LEU A 485 5.56 -13.48 40.22
C LEU A 485 4.54 -12.77 39.33
N GLU A 486 3.33 -12.58 39.85
CA GLU A 486 2.30 -11.85 39.13
C GLU A 486 2.76 -10.43 38.81
N GLY A 487 3.35 -9.77 39.80
CA GLY A 487 3.82 -8.41 39.63
C GLY A 487 4.99 -8.28 38.67
N GLN A 488 5.78 -9.35 38.57
CA GLN A 488 6.90 -9.40 37.63
C GLN A 488 6.40 -9.64 36.20
N VAL A 489 5.42 -10.51 36.06
CA VAL A 489 4.83 -10.80 34.75
C VAL A 489 4.15 -9.55 34.18
N LEU A 490 3.60 -8.74 35.07
CA LEU A 490 3.01 -7.46 34.69
C LEU A 490 4.14 -6.53 34.25
N GLN A 491 5.24 -6.59 34.99
CA GLN A 491 6.44 -5.85 34.63
C GLN A 491 6.87 -6.23 33.21
N PHE A 492 6.71 -7.51 32.87
CA PHE A 492 7.06 -8.00 31.54
C PHE A 492 6.13 -7.42 30.47
N HIS A 493 4.84 -7.48 30.73
CA HIS A 493 3.86 -6.96 29.78
C HIS A 493 4.01 -5.46 29.58
N LEU A 494 4.29 -4.75 30.68
CA LEU A 494 4.57 -3.32 30.61
C LEU A 494 5.75 -3.08 29.68
N SER A 495 6.76 -3.93 29.78
CA SER A 495 7.97 -3.78 28.99
C SER A 495 7.67 -3.97 27.50
N ASN A 496 6.65 -4.77 27.20
CA ASN A 496 6.24 -4.99 25.81
C ASN A 496 5.67 -3.73 25.17
N LEU A 497 5.05 -2.88 25.97
CA LEU A 497 4.52 -1.61 25.47
C LEU A 497 5.64 -0.58 25.35
N GLU A 498 6.57 -0.60 26.29
CA GLU A 498 7.73 0.29 26.23
C GLU A 498 8.56 -0.02 24.99
N TYR A 499 8.68 -1.30 24.67
CA TYR A 499 9.36 -1.74 23.46
C TYR A 499 8.66 -1.17 22.23
N ALA A 500 7.34 -1.33 22.17
CA ALA A 500 6.54 -0.86 21.04
C ALA A 500 6.58 0.66 20.88
N CYS A 501 6.77 1.36 22.00
CA CYS A 501 6.85 2.82 21.95
C CYS A 501 8.28 3.30 21.78
N GLY A 502 9.23 2.43 22.09
CA GLY A 502 10.63 2.80 22.05
C GLY A 502 10.97 3.77 23.18
N SER A 503 10.23 3.69 24.26
CA SER A 503 10.45 4.58 25.39
C SER A 503 9.78 4.09 26.67
N ASN A 504 10.39 4.42 27.80
CA ASN A 504 9.72 4.31 29.08
C ASN A 504 8.41 5.08 28.97
N LEU A 505 7.32 4.51 29.50
CA LEU A 505 6.00 5.08 29.30
C LEU A 505 5.76 6.43 29.99
N HIS A 506 6.73 6.88 30.79
CA HIS A 506 6.60 8.15 31.48
C HIS A 506 6.91 9.35 30.58
N GLN A 507 7.36 9.06 29.35
CA GLN A 507 7.57 10.11 28.37
C GLN A 507 6.52 10.11 27.26
N VAL A 508 5.69 9.07 27.21
CA VAL A 508 4.70 8.94 26.14
C VAL A 508 3.29 9.38 26.52
N SER A 509 2.65 10.10 25.60
CA SER A 509 1.33 10.68 25.78
C SER A 509 0.21 9.65 26.06
N ALA A 510 -0.57 9.91 27.11
CA ALA A 510 -1.69 9.04 27.46
C ALA A 510 -2.82 9.22 26.46
N ARG A 511 -2.99 10.44 25.98
CA ARG A 511 -4.02 10.76 25.00
C ARG A 511 -3.69 10.15 23.63
N SER A 512 -2.43 10.22 23.24
CA SER A 512 -2.06 9.98 21.84
C SER A 512 -1.16 8.78 21.56
N TRP A 513 -0.80 8.01 22.58
CA TRP A 513 0.13 6.90 22.37
C TRP A 513 -0.25 6.01 21.17
N ASP A 514 -1.53 5.68 21.05
CA ASP A 514 -2.01 4.79 19.99
C ASP A 514 -2.87 5.51 18.95
N HIS A 515 -2.57 6.78 18.72
CA HIS A 515 -3.33 7.60 17.78
C HIS A 515 -3.58 6.91 16.43
N ASN A 516 -2.59 6.17 15.95
CA ASN A 516 -2.67 5.59 14.61
C ASN A 516 -3.75 4.51 14.43
N GLU A 517 -4.13 3.87 15.53
CA GLU A 517 -5.14 2.81 15.49
C GLU A 517 -6.47 3.34 14.97
N PHE A 518 -6.61 4.67 14.95
CA PHE A 518 -7.80 5.31 14.39
C PHE A 518 -7.96 4.97 12.92
N PHE A 519 -6.84 4.73 12.24
CA PHE A 519 -6.85 4.44 10.81
C PHE A 519 -6.80 2.95 10.56
N ALA A 520 -7.21 2.53 9.37
CA ALA A 520 -7.16 1.11 8.99
C ALA A 520 -5.73 0.60 9.01
N GLN A 521 -5.52 -0.52 9.70
CA GLN A 521 -4.18 -1.09 9.85
C GLN A 521 -3.99 -2.33 8.97
N PHE A 522 -2.73 -2.73 8.79
CA PHE A 522 -2.43 -3.90 7.97
C PHE A 522 -2.89 -5.19 8.64
N ALA A 523 -3.72 -5.94 7.94
CA ALA A 523 -4.22 -7.20 8.45
C ALA A 523 -3.25 -8.34 8.14
N GLY A 524 -3.51 -9.51 8.73
CA GLY A 524 -2.80 -10.70 8.36
C GLY A 524 -1.53 -11.02 9.12
N ASP A 525 -0.74 -11.92 8.56
CA ASP A 525 0.41 -12.49 9.23
C ASP A 525 1.41 -11.48 9.78
N HIS A 526 1.97 -11.80 10.93
CA HIS A 526 3.17 -11.14 11.42
C HIS A 526 4.33 -12.07 11.13
N THR A 527 5.35 -11.57 10.45
CA THR A 527 6.41 -12.45 9.96
C THR A 527 7.82 -11.94 10.28
N LEU A 528 8.77 -12.87 10.17
CA LEU A 528 10.19 -12.58 10.23
C LEU A 528 10.67 -12.51 8.79
N LEU A 529 11.24 -11.39 8.39
CA LEU A 529 11.80 -11.29 7.04
C LEU A 529 13.15 -11.97 7.07
N THR A 530 13.12 -13.30 6.97
CA THR A 530 14.32 -14.12 7.13
C THR A 530 15.53 -13.63 6.33
N PRO A 531 15.36 -13.40 5.02
CA PRO A 531 16.45 -12.88 4.19
C PRO A 531 16.87 -11.46 4.59
N GLY A 532 16.03 -10.79 5.37
CA GLY A 532 16.32 -9.43 5.82
C GLY A 532 15.82 -8.35 4.88
N TYR A 533 15.50 -7.19 5.45
CA TYR A 533 15.04 -6.04 4.66
C TYR A 533 16.07 -5.55 3.67
N SER A 534 17.35 -5.85 3.92
CA SER A 534 18.43 -5.36 3.06
C SER A 534 18.28 -5.80 1.61
N VAL A 535 17.71 -6.98 1.41
CA VAL A 535 17.46 -7.50 0.07
C VAL A 535 16.56 -6.56 -0.73
N ILE A 536 15.57 -5.98 -0.05
CA ILE A 536 14.65 -5.05 -0.69
C ILE A 536 15.33 -3.69 -0.88
N ILE A 537 16.01 -3.23 0.16
CA ILE A 537 16.72 -1.97 0.12
C ILE A 537 17.67 -1.92 -1.07
N GLU A 538 18.41 -3.01 -1.27
CA GLU A 538 19.39 -3.09 -2.35
C GLU A 538 18.74 -3.07 -3.74
N LYS A 539 17.59 -3.71 -3.88
CA LYS A 539 16.87 -3.69 -5.14
C LYS A 539 16.33 -2.29 -5.46
N LEU A 540 15.77 -1.64 -4.45
CA LEU A 540 15.28 -0.28 -4.63
C LEU A 540 16.41 0.64 -5.08
N ALA A 541 17.61 0.37 -4.58
CA ALA A 541 18.76 1.25 -4.82
C ALA A 541 19.47 0.99 -6.15
N GLU A 542 19.41 -0.26 -6.62
CA GLU A 542 20.18 -0.66 -7.81
C GLU A 542 20.02 0.26 -9.02
N GLY A 543 21.12 0.88 -9.43
CA GLY A 543 21.13 1.70 -10.64
C GLY A 543 20.74 3.15 -10.43
N LEU A 544 20.50 3.53 -9.18
CA LEU A 544 20.15 4.91 -8.86
C LEU A 544 21.41 5.73 -8.58
N ASP A 545 21.37 7.02 -8.87
CA ASP A 545 22.48 7.91 -8.55
C ASP A 545 22.48 8.23 -7.07
N ILE A 546 23.34 7.55 -6.32
CA ILE A 546 23.40 7.70 -4.87
C ILE A 546 24.79 8.12 -4.41
N GLN A 547 24.85 9.21 -3.65
CA GLN A 547 26.12 9.73 -3.14
C GLN A 547 26.29 9.45 -1.65
N LEU A 548 27.11 8.46 -1.33
CA LEU A 548 27.37 8.09 0.06
C LEU A 548 28.33 9.09 0.69
N LYS A 549 28.47 9.00 2.01
CA LYS A 549 29.38 9.87 2.75
C LYS A 549 29.22 11.33 2.33
N SER A 550 27.96 11.73 2.12
CA SER A 550 27.64 13.09 1.71
C SER A 550 26.56 13.67 2.61
N PRO A 551 26.94 14.04 3.85
CA PRO A 551 25.98 14.57 4.81
C PRO A 551 25.55 15.99 4.47
N VAL A 552 24.25 16.18 4.26
CA VAL A 552 23.71 17.50 3.93
C VAL A 552 23.73 18.40 5.14
N GLN A 553 24.16 19.64 4.95
CA GLN A 553 24.23 20.60 6.05
C GLN A 553 23.37 21.83 5.80
N CYS A 554 23.28 22.27 4.55
CA CYS A 554 22.49 23.45 4.21
C CYS A 554 21.52 23.17 3.08
N ILE A 555 20.27 23.59 3.29
CA ILE A 555 19.27 23.60 2.24
C ILE A 555 18.72 25.01 2.09
N ASP A 556 18.91 25.60 0.92
CA ASP A 556 18.45 26.96 0.65
C ASP A 556 17.47 26.99 -0.52
N TYR A 557 16.20 27.23 -0.22
CA TYR A 557 15.17 27.20 -1.25
C TYR A 557 14.57 28.59 -1.48
N SER A 558 15.42 29.61 -1.40
CA SER A 558 14.95 30.99 -1.50
C SER A 558 15.09 31.53 -2.92
N GLY A 559 15.83 30.81 -3.75
CA GLY A 559 16.05 31.22 -5.13
C GLY A 559 15.23 30.41 -6.12
N ASP A 560 15.64 30.45 -7.39
CA ASP A 560 14.92 29.77 -8.46
C ASP A 560 15.11 28.25 -8.42
N GLU A 561 16.22 27.81 -7.85
CA GLU A 561 16.46 26.38 -7.65
C GLU A 561 16.95 26.14 -6.23
N VAL A 562 16.78 24.91 -5.74
CA VAL A 562 17.22 24.58 -4.40
C VAL A 562 18.74 24.36 -4.37
N GLN A 563 19.41 25.07 -3.47
CA GLN A 563 20.84 24.90 -3.29
C GLN A 563 21.09 24.00 -2.09
N VAL A 564 21.75 22.87 -2.31
CA VAL A 564 22.05 21.93 -1.24
C VAL A 564 23.55 21.83 -1.05
N THR A 565 24.01 21.97 0.19
CA THR A 565 25.43 21.94 0.50
C THR A 565 25.75 20.86 1.54
N THR A 566 26.75 20.03 1.25
CA THR A 566 27.19 19.03 2.22
C THR A 566 28.15 19.62 3.25
N THR A 567 28.53 18.80 4.23
CA THR A 567 29.40 19.23 5.32
C THR A 567 30.82 19.56 4.88
N ASP A 568 31.26 19.00 3.76
CA ASP A 568 32.58 19.35 3.23
C ASP A 568 32.50 20.45 2.18
N GLY A 569 31.32 21.06 2.06
CA GLY A 569 31.11 22.22 1.21
C GLY A 569 30.76 21.91 -0.23
N THR A 570 30.49 20.64 -0.51
CA THR A 570 30.10 20.24 -1.87
C THR A 570 28.69 20.69 -2.23
N GLY A 571 28.54 21.29 -3.40
CA GLY A 571 27.27 21.85 -3.81
C GLY A 571 26.49 21.00 -4.80
N TYR A 572 25.19 20.88 -4.52
CA TYR A 572 24.24 20.24 -5.43
C TYR A 572 23.03 21.15 -5.55
N SER A 573 22.33 21.07 -6.68
CA SER A 573 21.11 21.83 -6.84
C SER A 573 20.10 21.08 -7.70
N ALA A 574 18.83 21.35 -7.44
CA ALA A 574 17.72 20.76 -8.18
C ALA A 574 16.49 21.63 -7.93
N GLN A 575 15.44 21.39 -8.70
CA GLN A 575 14.23 22.19 -8.58
C GLN A 575 13.47 21.88 -7.30
N LYS A 576 13.51 20.61 -6.89
CA LYS A 576 12.80 20.16 -5.68
C LYS A 576 13.67 19.29 -4.79
N VAL A 577 13.43 19.36 -3.48
CA VAL A 577 14.23 18.61 -2.53
C VAL A 577 13.34 17.83 -1.58
N LEU A 578 13.69 16.57 -1.36
CA LEU A 578 12.96 15.71 -0.44
C LEU A 578 13.82 15.35 0.76
N VAL A 579 13.34 15.69 1.95
CA VAL A 579 14.04 15.37 3.18
C VAL A 579 13.46 14.14 3.83
N THR A 580 14.31 13.17 4.18
CA THR A 580 13.86 11.94 4.81
C THR A 580 14.72 11.55 6.03
N VAL A 581 15.44 12.53 6.58
CA VAL A 581 16.26 12.27 7.76
C VAL A 581 15.40 11.91 8.96
N PRO A 582 15.97 11.10 9.88
CA PRO A 582 15.28 10.66 11.10
C PRO A 582 14.79 11.83 11.96
N LEU A 583 13.73 11.60 12.72
CA LEU A 583 13.15 12.62 13.56
C LEU A 583 14.18 13.32 14.45
N ALA A 584 15.03 12.52 15.08
CA ALA A 584 16.06 13.04 15.99
C ALA A 584 16.97 14.05 15.32
N LEU A 585 17.23 13.86 14.02
CA LEU A 585 18.11 14.76 13.28
C LEU A 585 17.43 16.08 12.97
N LEU A 586 16.11 16.06 12.86
CA LEU A 586 15.33 17.28 12.66
C LEU A 586 15.27 18.05 13.98
N GLN A 587 15.16 17.30 15.08
CA GLN A 587 15.13 17.91 16.41
C GLN A 587 16.47 18.53 16.79
N LYS A 588 17.57 17.95 16.31
CA LYS A 588 18.90 18.48 16.60
C LYS A 588 19.23 19.65 15.68
N GLY A 589 18.37 19.89 14.69
CA GLY A 589 18.59 20.97 13.74
C GLY A 589 19.91 20.82 13.03
N ALA A 590 20.24 19.58 12.65
CA ALA A 590 21.51 19.29 12.00
C ALA A 590 21.58 19.90 10.60
N ILE A 591 20.42 20.14 10.00
CA ILE A 591 20.37 20.79 8.71
C ILE A 591 19.88 22.24 8.83
N GLN A 592 20.63 23.15 8.23
CA GLN A 592 20.27 24.56 8.20
C GLN A 592 19.32 24.82 7.03
N PHE A 593 18.10 25.26 7.35
CA PHE A 593 17.09 25.58 6.33
C PHE A 593 16.99 27.08 6.12
N ASN A 594 17.01 27.52 4.86
CA ASN A 594 16.75 28.92 4.54
C ASN A 594 15.79 29.06 3.36
N PRO A 595 14.58 29.59 3.62
CA PRO A 595 14.12 30.09 4.92
C PRO A 595 14.01 28.97 5.95
N PRO A 596 13.95 29.33 7.25
CA PRO A 596 13.88 28.32 8.31
C PRO A 596 12.52 27.63 8.34
N LEU A 597 12.46 26.46 8.96
CA LEU A 597 11.18 25.78 9.12
C LEU A 597 10.26 26.64 9.96
N SER A 598 8.96 26.54 9.70
CA SER A 598 7.98 27.32 10.45
C SER A 598 7.98 26.93 11.93
N GLU A 599 7.47 27.83 12.75
CA GLU A 599 7.29 27.55 14.17
C GLU A 599 6.31 26.41 14.35
N LYS A 600 5.28 26.39 13.51
CA LYS A 600 4.30 25.31 13.52
C LYS A 600 4.96 23.97 13.28
N LYS A 601 5.84 23.93 12.29
CA LYS A 601 6.58 22.70 11.96
C LYS A 601 7.53 22.29 13.09
N MET A 602 8.20 23.26 13.69
CA MET A 602 9.14 22.96 14.79
C MET A 602 8.41 22.39 16.01
N LYS A 603 7.22 22.90 16.30
CA LYS A 603 6.43 22.39 17.41
C LYS A 603 6.00 20.93 17.19
N ALA A 604 5.55 20.65 15.97
CA ALA A 604 5.19 19.29 15.60
C ALA A 604 6.40 18.37 15.73
N ILE A 605 7.54 18.82 15.20
CA ILE A 605 8.77 18.04 15.27
C ILE A 605 9.20 17.75 16.70
N ASN A 606 9.08 18.76 17.56
CA ASN A 606 9.47 18.63 18.96
C ASN A 606 8.43 17.93 19.83
N SER A 607 7.22 17.73 19.31
CA SER A 607 6.17 17.08 20.08
C SER A 607 6.26 15.56 20.01
N LEU A 608 7.03 15.06 19.05
CA LEU A 608 7.23 13.62 18.92
C LEU A 608 8.52 13.18 19.61
N GLY A 609 8.56 11.94 20.07
CA GLY A 609 9.72 11.40 20.73
C GLY A 609 10.60 10.55 19.83
N ALA A 610 11.90 10.65 20.05
CA ALA A 610 12.85 9.81 19.33
C ALA A 610 13.03 8.49 20.08
N GLY A 611 12.09 7.57 19.88
CA GLY A 611 12.11 6.30 20.56
C GLY A 611 13.34 5.47 20.24
N ILE A 612 13.75 4.62 21.17
CA ILE A 612 14.96 3.84 20.98
C ILE A 612 14.85 2.44 21.58
N ILE A 613 15.51 1.50 20.91
CA ILE A 613 15.79 0.17 21.44
C ILE A 613 17.12 -0.24 20.84
N GLU A 614 17.77 -1.25 21.41
CA GLU A 614 18.96 -1.81 20.82
C GLU A 614 18.85 -3.33 20.76
N LYS A 615 19.70 -3.96 19.96
CA LYS A 615 19.68 -5.40 19.83
C LYS A 615 21.03 -6.01 20.14
N ILE A 616 21.01 -7.27 20.58
CA ILE A 616 22.21 -8.07 20.70
C ILE A 616 21.94 -9.37 19.98
N ALA A 617 22.94 -9.85 19.24
CA ALA A 617 22.81 -11.12 18.54
C ALA A 617 23.96 -12.03 18.94
N LEU A 618 23.65 -13.28 19.26
CA LEU A 618 24.66 -14.22 19.74
C LEU A 618 24.65 -15.50 18.92
N GLN A 619 25.83 -15.90 18.45
CA GLN A 619 25.98 -17.18 17.78
C GLN A 619 26.56 -18.21 18.74
N PHE A 620 26.02 -19.43 18.70
CA PHE A 620 26.45 -20.50 19.60
C PHE A 620 26.90 -21.75 18.83
N PRO A 621 27.69 -22.60 19.48
CA PRO A 621 28.20 -23.85 18.87
C PRO A 621 27.08 -24.84 18.60
N TYR A 622 26.00 -24.77 19.37
CA TYR A 622 24.86 -25.64 19.16
C TYR A 622 23.59 -25.06 19.79
N ARG A 623 22.45 -25.55 19.34
CA ARG A 623 21.13 -25.04 19.76
C ARG A 623 20.75 -25.50 21.15
N PHE A 624 21.42 -24.93 22.16
CA PHE A 624 21.30 -25.37 23.55
C PHE A 624 19.89 -25.25 24.13
N TRP A 625 19.04 -24.45 23.49
CA TRP A 625 17.71 -24.16 24.05
C TRP A 625 16.62 -25.13 23.59
N ASP A 626 16.95 -25.98 22.61
CA ASP A 626 15.94 -26.83 21.98
C ASP A 626 15.15 -27.69 22.95
N SER A 627 15.83 -28.25 23.94
CA SER A 627 15.17 -29.12 24.91
C SER A 627 14.04 -28.40 25.64
N LYS A 628 14.31 -27.18 26.10
CA LYS A 628 13.32 -26.42 26.87
C LYS A 628 12.37 -25.60 26.01
N VAL A 629 12.89 -25.02 24.92
CA VAL A 629 12.10 -24.12 24.07
C VAL A 629 11.21 -24.89 23.08
N GLN A 630 11.67 -26.04 22.63
CA GLN A 630 10.86 -26.95 21.82
C GLN A 630 10.29 -26.34 20.53
N GLY A 631 11.08 -25.52 19.85
CA GLY A 631 10.72 -25.07 18.52
C GLY A 631 9.95 -23.77 18.45
N ALA A 632 9.71 -23.15 19.61
CA ALA A 632 9.07 -21.85 19.65
C ALA A 632 9.97 -20.80 19.02
N ASP A 633 9.37 -19.85 18.30
CA ASP A 633 10.12 -18.80 17.61
C ASP A 633 10.83 -17.87 18.58
N PHE A 634 10.27 -17.74 19.77
CA PHE A 634 10.80 -16.82 20.77
C PHE A 634 10.36 -17.23 22.17
N PHE A 635 11.08 -16.73 23.18
CA PHE A 635 10.70 -16.94 24.56
C PHE A 635 10.94 -15.68 25.40
N GLY A 636 10.09 -15.47 26.39
CA GLY A 636 10.17 -14.28 27.21
C GLY A 636 11.01 -14.47 28.45
N HIS A 637 11.53 -13.36 28.96
CA HIS A 637 12.34 -13.34 30.17
C HIS A 637 11.64 -12.48 31.22
N VAL A 638 11.07 -13.12 32.23
CA VAL A 638 10.41 -12.40 33.32
C VAL A 638 11.44 -11.55 34.06
N PRO A 639 11.14 -10.25 34.26
CA PRO A 639 12.07 -9.38 34.96
C PRO A 639 12.04 -9.67 36.44
N PRO A 640 13.23 -9.81 37.06
CA PRO A 640 13.33 -10.03 38.51
C PRO A 640 12.71 -8.88 39.29
N SER A 641 12.94 -7.67 38.82
CA SER A 641 12.42 -6.48 39.46
C SER A 641 12.14 -5.39 38.44
N ALA A 642 11.39 -4.37 38.84
CA ALA A 642 11.05 -3.26 37.96
C ALA A 642 12.31 -2.64 37.36
N SER A 643 13.37 -2.58 38.15
CA SER A 643 14.64 -1.99 37.72
C SER A 643 15.21 -2.71 36.50
N LYS A 644 15.00 -4.02 36.43
CA LYS A 644 15.54 -4.83 35.34
C LYS A 644 14.61 -4.89 34.13
N ARG A 645 13.53 -4.11 34.16
CA ARG A 645 12.54 -4.12 33.10
C ARG A 645 13.13 -3.72 31.74
N GLY A 646 12.92 -4.58 30.74
CA GLY A 646 13.33 -4.29 29.38
C GLY A 646 14.72 -4.79 29.02
N LEU A 647 15.40 -5.38 29.99
CA LEU A 647 16.76 -5.88 29.78
C LEU A 647 16.73 -7.32 29.27
N PHE A 648 16.81 -7.47 27.95
CA PHE A 648 16.70 -8.78 27.33
C PHE A 648 15.35 -9.42 27.62
N ALA A 649 14.28 -8.68 27.35
CA ALA A 649 12.93 -9.13 27.68
C ALA A 649 12.49 -10.35 26.88
N VAL A 650 12.95 -10.45 25.63
CA VAL A 650 12.55 -11.54 24.74
C VAL A 650 13.73 -12.02 23.89
N PHE A 651 13.78 -13.32 23.62
CA PHE A 651 14.82 -13.87 22.76
C PHE A 651 14.21 -14.50 21.51
N TYR A 652 14.83 -14.23 20.36
CA TYR A 652 14.33 -14.76 19.10
C TYR A 652 15.27 -15.82 18.57
N ASP A 653 14.71 -16.97 18.20
CA ASP A 653 15.46 -18.00 17.49
C ASP A 653 15.50 -17.57 16.02
N MET A 654 16.68 -17.19 15.56
CA MET A 654 16.81 -16.54 14.26
C MET A 654 16.83 -17.48 13.04
N ASP A 655 16.68 -18.78 13.27
CA ASP A 655 16.57 -19.72 12.15
C ASP A 655 15.27 -20.52 12.20
N PRO A 656 14.29 -20.11 11.37
CA PRO A 656 13.01 -20.83 11.32
C PRO A 656 13.19 -22.31 10.96
N GLN A 657 14.29 -22.64 10.31
CA GLN A 657 14.57 -24.01 9.88
C GLN A 657 15.12 -24.86 11.03
N LYS A 658 15.39 -24.21 12.16
CA LYS A 658 15.79 -24.91 13.38
C LYS A 658 17.12 -25.67 13.23
N LYS A 659 18.03 -25.13 12.42
CA LYS A 659 19.28 -25.82 12.15
C LYS A 659 20.49 -25.10 12.71
N HIS A 660 20.54 -23.79 12.52
CA HIS A 660 21.65 -23.00 13.05
C HIS A 660 21.34 -22.48 14.46
N SER A 661 22.35 -21.97 15.15
CA SER A 661 22.14 -21.52 16.53
C SER A 661 22.46 -20.03 16.73
N VAL A 662 21.48 -19.19 16.45
CA VAL A 662 21.63 -17.74 16.65
C VAL A 662 20.45 -17.18 17.42
N LEU A 663 20.73 -16.57 18.57
CA LEU A 663 19.72 -15.87 19.33
C LEU A 663 19.86 -14.35 19.20
N MET A 664 18.71 -13.68 19.09
CA MET A 664 18.68 -12.23 19.09
C MET A 664 17.79 -11.78 20.23
N SER A 665 18.22 -10.75 20.95
CA SER A 665 17.41 -10.22 22.04
C SER A 665 17.36 -8.70 22.02
N VAL A 666 16.40 -8.14 22.72
CA VAL A 666 16.12 -6.71 22.64
C VAL A 666 16.34 -5.99 23.98
N ILE A 667 16.78 -4.73 23.90
CA ILE A 667 16.97 -3.89 25.07
C ILE A 667 16.06 -2.69 24.95
N ALA A 668 15.04 -2.61 25.81
CA ALA A 668 14.05 -1.54 25.71
C ALA A 668 13.84 -0.80 27.03
N GLY A 669 13.04 0.26 26.97
CA GLY A 669 12.73 1.07 28.14
C GLY A 669 13.96 1.58 28.88
N GLU A 670 13.86 1.65 30.20
CA GLU A 670 14.96 2.09 31.05
C GLU A 670 16.26 1.35 30.80
N ALA A 671 16.16 0.11 30.34
CA ALA A 671 17.34 -0.73 30.13
C ALA A 671 18.27 -0.18 29.05
N VAL A 672 17.74 0.61 28.13
CA VAL A 672 18.55 1.25 27.11
C VAL A 672 19.56 2.19 27.76
N ALA A 673 19.09 2.96 28.72
CA ALA A 673 19.93 3.89 29.45
C ALA A 673 21.08 3.16 30.16
N SER A 674 20.73 2.14 30.94
CA SER A 674 21.71 1.42 31.75
C SER A 674 22.81 0.75 30.92
N VAL A 675 22.60 0.67 29.60
CA VAL A 675 23.56 0.03 28.72
C VAL A 675 24.48 1.04 28.02
N ARG A 676 24.09 2.31 28.05
CA ARG A 676 24.85 3.36 27.37
C ARG A 676 26.30 3.41 27.81
N THR A 677 26.54 3.23 29.11
CA THR A 677 27.88 3.37 29.68
C THR A 677 28.71 2.09 29.65
N LEU A 678 28.12 1.01 29.13
CA LEU A 678 28.81 -0.28 29.07
C LEU A 678 29.36 -0.52 27.67
N ASP A 679 30.55 -1.12 27.59
CA ASP A 679 31.08 -1.53 26.30
C ASP A 679 30.38 -2.82 25.86
N ASP A 680 30.59 -3.21 24.61
CA ASP A 680 29.90 -4.37 24.04
C ASP A 680 30.16 -5.65 24.84
N LYS A 681 31.42 -5.90 25.18
CA LYS A 681 31.79 -7.08 25.96
C LYS A 681 30.96 -7.19 27.24
N GLN A 682 30.69 -6.05 27.86
CA GLN A 682 29.95 -5.99 29.13
C GLN A 682 28.47 -6.27 28.93
N VAL A 683 27.91 -5.78 27.84
CA VAL A 683 26.54 -6.09 27.48
C VAL A 683 26.41 -7.59 27.29
N LEU A 684 27.39 -8.16 26.58
CA LEU A 684 27.44 -9.59 26.30
C LEU A 684 27.44 -10.41 27.59
N GLN A 685 28.31 -10.03 28.53
CA GLN A 685 28.41 -10.69 29.83
C GLN A 685 27.05 -10.80 30.50
N GLN A 686 26.31 -9.70 30.50
CA GLN A 686 25.02 -9.65 31.18
C GLN A 686 23.96 -10.48 30.45
N CYS A 687 24.09 -10.55 29.13
CA CYS A 687 23.18 -11.38 28.35
C CYS A 687 23.44 -12.86 28.65
N MET A 688 24.70 -13.28 28.54
CA MET A 688 25.10 -14.64 28.87
C MET A 688 24.69 -15.02 30.28
N ALA A 689 24.94 -14.12 31.23
CA ALA A 689 24.53 -14.34 32.61
C ALA A 689 23.02 -14.52 32.72
N THR A 690 22.28 -13.72 31.95
CA THR A 690 20.84 -13.82 31.91
C THR A 690 20.40 -15.18 31.36
N LEU A 691 21.03 -15.57 30.26
CA LEU A 691 20.75 -16.86 29.63
C LEU A 691 20.98 -18.04 30.57
N ARG A 692 22.06 -17.98 31.35
CA ARG A 692 22.40 -19.08 32.26
C ARG A 692 21.43 -19.12 33.44
N GLU A 693 20.86 -17.98 33.79
CA GLU A 693 19.76 -17.95 34.75
C GLU A 693 18.50 -18.56 34.13
N LEU A 694 18.23 -18.17 32.89
CA LEU A 694 17.04 -18.64 32.18
C LEU A 694 17.08 -20.14 31.95
N PHE A 695 18.28 -20.67 31.74
CA PHE A 695 18.48 -22.11 31.58
C PHE A 695 19.34 -22.63 32.72
N LYS A 696 18.85 -22.42 33.94
CA LYS A 696 19.60 -22.73 35.15
C LYS A 696 19.93 -24.21 35.28
N GLU A 697 18.98 -25.06 34.91
CA GLU A 697 19.11 -26.51 35.12
C GLU A 697 19.95 -27.17 34.03
N GLN A 698 20.72 -26.39 33.30
CA GLN A 698 21.56 -26.93 32.23
C GLN A 698 22.78 -26.06 31.92
N GLU A 699 23.72 -26.63 31.17
CA GLU A 699 24.90 -25.90 30.73
C GLU A 699 24.56 -25.05 29.51
N VAL A 700 25.22 -23.90 29.40
CA VAL A 700 25.05 -23.04 28.25
C VAL A 700 26.41 -22.76 27.65
N PRO A 701 26.59 -23.04 26.37
CA PRO A 701 27.92 -22.90 25.76
C PRO A 701 28.28 -21.43 25.65
N ASP A 702 29.55 -21.14 25.38
CA ASP A 702 30.00 -19.78 25.13
C ASP A 702 29.63 -19.35 23.72
N PRO A 703 29.32 -18.05 23.55
CA PRO A 703 29.03 -17.53 22.21
C PRO A 703 30.32 -17.40 21.41
N THR A 704 30.26 -17.64 20.11
CA THR A 704 31.44 -17.61 19.26
C THR A 704 31.41 -16.41 18.31
N LYS A 705 30.43 -15.54 18.50
CA LYS A 705 30.24 -14.39 17.63
C LYS A 705 29.01 -13.61 18.09
N TYR A 706 29.14 -12.29 18.14
CA TYR A 706 28.05 -11.45 18.61
C TYR A 706 28.15 -10.03 18.08
N PHE A 707 27.05 -9.28 18.18
CA PHE A 707 27.08 -7.85 17.99
C PHE A 707 26.15 -7.18 18.99
N VAL A 708 26.46 -5.93 19.31
CA VAL A 708 25.59 -5.08 20.11
C VAL A 708 25.37 -3.80 19.32
N THR A 709 24.10 -3.43 19.13
CA THR A 709 23.81 -2.26 18.32
C THR A 709 23.93 -0.98 19.13
N ARG A 710 24.26 0.11 18.45
CA ARG A 710 24.40 1.41 19.10
C ARG A 710 23.65 2.46 18.30
N TRP A 711 22.36 2.23 18.07
CA TRP A 711 21.54 3.15 17.29
C TRP A 711 21.47 4.52 17.94
N SER A 712 21.39 4.56 19.27
CA SER A 712 21.22 5.82 19.97
C SER A 712 22.38 6.79 19.74
N THR A 713 23.58 6.24 19.51
CA THR A 713 24.75 7.09 19.26
C THR A 713 25.25 7.07 17.82
N ASP A 714 24.48 6.45 16.92
CA ASP A 714 24.74 6.62 15.49
C ASP A 714 24.37 8.06 15.19
N PRO A 715 25.36 8.87 14.77
CA PRO A 715 25.22 10.33 14.66
C PRO A 715 24.15 10.79 13.68
N TRP A 716 23.92 10.03 12.62
CA TRP A 716 22.94 10.43 11.61
C TRP A 716 21.60 9.73 11.81
N ILE A 717 21.44 9.03 12.93
CA ILE A 717 20.18 8.35 13.21
C ILE A 717 19.70 8.59 14.63
N GLN A 718 20.49 8.16 15.63
CA GLN A 718 20.25 8.50 17.03
C GLN A 718 18.88 8.07 17.56
N MET A 719 18.30 7.02 16.98
CA MET A 719 16.99 6.55 17.40
C MET A 719 16.64 5.24 16.72
N ALA A 720 15.49 4.67 17.07
CA ALA A 720 14.96 3.47 16.41
C ALA A 720 13.66 3.77 15.69
N TYR A 721 12.74 4.44 16.39
CA TYR A 721 11.46 4.82 15.79
C TYR A 721 10.70 5.82 16.66
N SER A 722 9.85 6.62 16.02
CA SER A 722 9.18 7.73 16.68
C SER A 722 7.97 7.28 17.51
N PHE A 723 7.55 8.16 18.40
CA PHE A 723 6.32 7.98 19.17
C PHE A 723 5.82 9.36 19.58
N VAL A 724 4.61 9.44 20.10
CA VAL A 724 4.07 10.72 20.55
C VAL A 724 4.39 11.02 22.00
N LYS A 725 5.16 12.08 22.25
CA LYS A 725 5.48 12.49 23.60
C LYS A 725 4.28 13.14 24.28
N THR A 726 4.29 13.18 25.60
CA THR A 726 3.20 13.79 26.36
C THR A 726 2.97 15.21 25.85
N GLY A 727 1.70 15.53 25.61
CA GLY A 727 1.32 16.84 25.11
C GLY A 727 1.15 16.89 23.60
N GLY A 728 1.57 15.83 22.93
CA GLY A 728 1.55 15.80 21.47
C GLY A 728 0.29 15.22 20.84
N SER A 729 0.19 15.33 19.53
CA SER A 729 -0.96 14.80 18.82
C SER A 729 -0.51 14.02 17.60
N GLY A 730 -1.31 13.05 17.18
CA GLY A 730 -1.03 12.31 15.97
C GLY A 730 -0.95 13.23 14.77
N GLU A 731 -1.57 14.40 14.91
CA GLU A 731 -1.56 15.40 13.85
C GLU A 731 -0.14 15.82 13.48
N ALA A 732 0.77 15.70 14.44
CA ALA A 732 2.15 16.10 14.23
C ALA A 732 2.74 15.43 13.00
N TYR A 733 2.40 14.15 12.80
CA TYR A 733 2.87 13.40 11.64
C TYR A 733 2.44 14.06 10.31
N ASP A 734 1.20 14.52 10.24
CA ASP A 734 0.73 15.24 9.05
C ASP A 734 1.49 16.55 8.87
N ILE A 735 1.63 17.30 9.95
CA ILE A 735 2.28 18.61 9.90
C ILE A 735 3.73 18.50 9.43
N ILE A 736 4.46 17.53 9.95
CA ILE A 736 5.83 17.29 9.49
C ILE A 736 5.83 16.90 8.01
N ALA A 737 4.80 16.16 7.60
CA ALA A 737 4.68 15.67 6.24
C ALA A 737 4.36 16.77 5.23
N GLU A 738 3.87 17.90 5.72
CA GLU A 738 3.45 19.00 4.85
C GLU A 738 4.61 19.58 4.04
N ASP A 739 4.45 19.63 2.73
CA ASP A 739 5.48 20.22 1.88
C ASP A 739 5.53 21.73 2.08
N ILE A 740 6.67 22.34 1.77
CA ILE A 740 6.81 23.79 1.84
C ILE A 740 6.89 24.42 0.46
N GLN A 741 5.85 25.17 0.09
CA GLN A 741 5.81 25.89 -1.18
C GLN A 741 6.01 24.98 -2.40
N GLY A 742 5.60 23.72 -2.27
CA GLY A 742 5.74 22.76 -3.36
C GLY A 742 7.19 22.67 -3.83
N THR A 743 8.12 22.98 -2.94
CA THR A 743 9.54 22.99 -3.24
C THR A 743 10.31 22.04 -2.32
N VAL A 744 10.01 22.12 -1.02
CA VAL A 744 10.65 21.25 -0.04
C VAL A 744 9.68 20.22 0.52
N PHE A 745 9.98 18.95 0.32
CA PHE A 745 9.08 17.87 0.73
C PHE A 745 9.68 17.00 1.83
N PHE A 746 8.82 16.31 2.59
CA PHE A 746 9.27 15.51 3.72
C PHE A 746 8.69 14.10 3.72
N ALA A 747 9.54 13.11 4.01
CA ALA A 747 9.11 11.72 4.19
C ALA A 747 9.89 11.07 5.32
N GLY A 748 9.55 9.83 5.65
CA GLY A 748 10.15 9.13 6.76
C GLY A 748 9.06 8.55 7.65
N GLU A 749 9.43 7.62 8.53
CA GLU A 749 8.45 6.98 9.39
C GLU A 749 7.73 8.00 10.28
N ALA A 750 8.43 9.06 10.63
CA ALA A 750 7.90 10.11 11.50
C ALA A 750 6.99 11.09 10.78
N THR A 751 6.76 10.86 9.49
CA THR A 751 5.88 11.71 8.71
C THR A 751 4.64 10.95 8.25
N ASN A 752 4.51 9.70 8.67
CA ASN A 752 3.38 8.86 8.29
C ASN A 752 2.42 8.63 9.46
N ARG A 753 1.27 9.28 9.40
CA ARG A 753 0.31 9.28 10.51
C ARG A 753 -0.49 7.99 10.59
N HIS A 754 -0.80 7.40 9.44
CA HIS A 754 -1.52 6.13 9.40
C HIS A 754 -0.62 5.00 9.87
N PHE A 755 0.62 5.02 9.41
CA PHE A 755 1.58 3.95 9.66
C PHE A 755 2.91 4.49 10.14
N PRO A 756 2.94 5.04 11.37
CA PRO A 756 4.18 5.53 11.96
C PRO A 756 5.13 4.38 12.29
N GLN A 757 6.43 4.69 12.41
CA GLN A 757 7.39 3.75 12.99
C GLN A 757 8.02 2.71 12.06
N THR A 758 7.20 2.13 11.18
CA THR A 758 7.61 0.93 10.45
C THR A 758 8.36 1.20 9.14
N VAL A 759 9.14 0.20 8.69
CA VAL A 759 9.76 0.25 7.36
C VAL A 759 8.66 0.46 6.32
N THR A 760 7.55 -0.27 6.47
CA THR A 760 6.40 -0.15 5.57
C THR A 760 5.89 1.30 5.53
N GLY A 761 5.71 1.91 6.70
CA GLY A 761 5.25 3.28 6.79
C GLY A 761 6.23 4.25 6.20
N ALA A 762 7.53 3.98 6.42
CA ALA A 762 8.58 4.80 5.83
C ALA A 762 8.53 4.70 4.31
N TYR A 763 8.48 3.47 3.81
CA TYR A 763 8.37 3.21 2.38
C TYR A 763 7.17 3.93 1.75
N LEU A 764 6.01 3.83 2.41
CA LEU A 764 4.79 4.43 1.89
C LEU A 764 4.83 5.97 1.90
N SER A 765 5.54 6.54 2.86
CA SER A 765 5.69 8.00 2.91
C SER A 765 6.50 8.46 1.72
N GLY A 766 7.51 7.66 1.35
CA GLY A 766 8.31 7.94 0.18
C GLY A 766 7.53 7.85 -1.12
N VAL A 767 6.64 6.87 -1.19
CA VAL A 767 5.74 6.73 -2.34
C VAL A 767 4.79 7.93 -2.38
N ARG A 768 4.29 8.30 -1.21
CA ARG A 768 3.39 9.45 -1.09
C ARG A 768 4.03 10.70 -1.67
N GLU A 769 5.28 10.98 -1.26
CA GLU A 769 5.98 12.18 -1.71
C GLU A 769 6.34 12.13 -3.19
N ALA A 770 6.65 10.95 -3.70
CA ALA A 770 6.96 10.80 -5.11
C ALA A 770 5.75 11.18 -5.97
N SER A 771 4.56 10.80 -5.51
CA SER A 771 3.33 11.18 -6.18
C SER A 771 3.09 12.68 -6.14
N LYS A 772 3.24 13.29 -4.96
CA LYS A 772 3.14 14.74 -4.84
C LYS A 772 4.10 15.43 -5.79
N ILE A 773 5.35 14.95 -5.81
CA ILE A 773 6.42 15.56 -6.60
C ILE A 773 6.19 15.40 -8.11
N ALA A 774 5.73 14.24 -8.54
CA ALA A 774 5.52 13.96 -9.96
C ALA A 774 4.39 14.79 -10.57
N ALA A 775 3.47 15.25 -9.75
CA ALA A 775 2.31 16.01 -10.24
C ALA A 775 2.67 17.43 -10.62
N ASP B 70 -15.70 7.30 6.17
CA ASP B 70 -14.95 6.87 7.34
C ASP B 70 -13.53 6.44 6.96
N PRO B 71 -12.53 7.28 7.30
CA PRO B 71 -11.10 7.06 7.10
C PRO B 71 -10.56 5.87 7.90
N HIS B 72 -11.46 5.00 8.36
CA HIS B 72 -11.07 3.75 9.00
C HIS B 72 -11.14 2.70 7.91
N PHE B 73 -11.38 3.19 6.69
CA PHE B 73 -11.50 2.35 5.51
C PHE B 73 -10.65 2.90 4.36
N HIS B 74 -10.61 4.23 4.26
CA HIS B 74 -10.04 4.93 3.10
C HIS B 74 -8.60 4.57 2.78
N HIS B 75 -8.33 4.31 1.49
CA HIS B 75 -7.00 3.96 1.01
C HIS B 75 -6.03 5.11 1.24
N PHE B 76 -4.95 4.82 1.96
CA PHE B 76 -3.92 5.81 2.30
C PHE B 76 -3.41 6.59 1.08
N LEU B 77 -3.23 5.90 -0.04
CA LEU B 77 -2.61 6.52 -1.21
C LEU B 77 -3.59 7.31 -2.08
N LEU B 78 -4.88 7.06 -1.90
CA LEU B 78 -5.91 7.80 -2.61
C LEU B 78 -6.69 8.73 -1.68
N SER B 79 -6.02 9.20 -0.63
CA SER B 79 -6.63 10.12 0.33
C SER B 79 -5.72 11.32 0.61
N GLN B 80 -4.83 11.63 -0.34
CA GLN B 80 -3.81 12.66 -0.12
C GLN B 80 -4.20 14.07 -0.55
N THR B 81 -5.47 14.24 -0.96
CA THR B 81 -5.97 15.56 -1.28
C THR B 81 -7.01 16.03 -0.26
#